data_9RXM
#
_entry.id   9RXM
#
_cell.length_a   1.00
_cell.length_b   1.00
_cell.length_c   1.00
_cell.angle_alpha   90.00
_cell.angle_beta   90.00
_cell.angle_gamma   90.00
#
_symmetry.space_group_name_H-M   'P 1'
#
loop_
_entity.id
_entity.type
_entity.pdbx_description
1 polymer 'T cell receptor alpha chain'
2 polymer 'T cell receptor beta chain'
3 polymer 'SARS-CoV-2 ORF3a_207-215 epitope'
4 polymer 'MHC class I antigen'
5 polymer Beta-2-microglobulin
#
loop_
_entity_poly.entity_id
_entity_poly.type
_entity_poly.pdbx_seq_one_letter_code
_entity_poly.pdbx_strand_id
1 'polypeptide(L)'
;QQVMQIPQYQHVQEGEDFTTYCNSSTTLSNIQWYKQRPGGHPVFLIQLVKSGEVKKQKRLTFQFGEAKKNSSLHITATQT
TDVGTYFCASDREGGSEKLVFGKGTKLTVNPYIQNPDPAVYQLRDSKSSDKSVCLFTDFDSQTNVSQSKDSDVYITDKCV
LDMRSMDFKSNSAVAWSNKSDFACANAFNNSIIPEDTFFPSPESS
;
A
2 'polypeptide(L)'
;GVTQTPRYLIKTRGQQVTLSCSPISGHRSVSWYQQTPGQGLQFLFEYFSETQRNKGNFPGRFSGRQFSNSRSEMNVSTLE
LGDSALYLCASSLWTGVGTEAFFGQGTRLTVVEDLKNVFPPEVAVFEPSEAEISHTQKATLVCLATGFYPDHVELSWWVN
GKEVHSGVCTDPQPLKEQPALNDSRYALSSRLRVSATFWQNPRNHFRCQVQFYGLSENDEWTQDRAKPVTQIVSAEAWGR
AD
;
B
3 'polypeptide(L)' FTSDYYQLY D
4 'polypeptide(L)'
;HSMRYFFTSVSRPGRGEPRFIAVGYVDDTQFVRFDSDAASQKMEPRAPWIEQEGPEYWDQETRNMKAHSQTDRANLGTLR
GYYNQSEDGSHTIQIMYGCDVGPDGRFLRGYRQDAYDGKDYIALNEDLRSWTAADMAAQITKRKWEAVHAAEQRRVYLEG
RCVDGLRRYLENGKETLQRTDPPKTHMTHHPISDHEATLRCWALGFYPAEITLTWQRDGEDQTQDTELVETRPAGDGTFQ
KWAAVVVPSGEEQRYTCHVQHEGLPKPLTLRW
;
E
5 'polypeptide(L)'
;IQRTPKIQVYSRHPAENGKSNFLNCYVSGFHPSDIEVDLLKNGERIEKVEHSDLSFSKDWSFYLLYYTEFTPTEKDEYAC
RVNHVTLSQPKIVKWDRDM
;
F
#
# COMPACT_ATOMS: atom_id res chain seq x y z
N GLN A 2 4.06 -6.95 12.39
CA GLN A 2 4.31 -8.19 13.11
C GLN A 2 3.00 -8.84 13.53
N VAL A 3 2.71 -9.99 12.94
CA VAL A 3 1.49 -10.74 13.22
C VAL A 3 1.85 -12.05 13.89
N MET A 4 0.98 -12.50 14.79
CA MET A 4 1.20 -13.72 15.57
C MET A 4 0.08 -14.70 15.25
N GLN A 5 0.37 -15.67 14.38
CA GLN A 5 -0.54 -16.78 14.15
C GLN A 5 -0.29 -17.84 15.22
N ILE A 6 -1.12 -17.83 16.27
CA ILE A 6 -0.84 -18.58 17.50
C ILE A 6 -0.70 -20.08 17.29
N PRO A 7 -1.52 -20.77 16.46
CA PRO A 7 -1.34 -22.23 16.36
C PRO A 7 -0.25 -22.59 15.35
N GLN A 8 1.01 -22.45 15.74
CA GLN A 8 2.16 -22.71 14.87
C GLN A 8 1.95 -23.96 14.02
N TYR A 9 1.57 -25.06 14.65
CA TYR A 9 1.08 -26.23 13.94
C TYR A 9 -0.18 -26.71 14.65
N GLN A 10 -1.08 -27.31 13.88
CA GLN A 10 -2.35 -27.79 14.45
C GLN A 10 -2.74 -29.07 13.72
N HIS A 11 -2.38 -30.21 14.31
CA HIS A 11 -2.79 -31.51 13.78
C HIS A 11 -4.18 -31.82 14.32
N VAL A 12 -5.15 -31.88 13.41
CA VAL A 12 -6.51 -32.24 13.77
C VAL A 12 -6.90 -33.49 13.01
N GLN A 13 -8.13 -33.93 13.18
CA GLN A 13 -8.68 -35.03 12.40
C GLN A 13 -9.62 -34.46 11.33
N GLU A 14 -10.19 -35.33 10.53
CA GLU A 14 -11.07 -34.85 9.47
C GLU A 14 -12.46 -34.38 10.03
N GLY A 15 -12.62 -34.39 11.34
CA GLY A 15 -13.88 -33.97 11.93
C GLY A 15 -14.17 -32.49 11.82
N GLU A 16 -13.42 -31.65 12.54
CA GLU A 16 -13.76 -30.24 12.63
C GLU A 16 -12.67 -29.39 13.29
N ASP A 17 -13.00 -28.12 13.57
CA ASP A 17 -12.24 -27.27 14.47
C ASP A 17 -10.80 -26.99 14.05
N PHE A 18 -10.64 -26.22 12.98
CA PHE A 18 -9.31 -25.72 12.62
C PHE A 18 -9.24 -24.21 12.80
N THR A 19 -9.76 -23.72 13.92
CA THR A 19 -9.60 -22.30 14.23
C THR A 19 -8.13 -21.94 14.29
N THR A 20 -7.72 -21.00 13.45
CA THR A 20 -6.32 -20.56 13.37
C THR A 20 -6.18 -19.07 13.67
N TYR A 21 -6.77 -18.64 14.78
CA TYR A 21 -6.74 -17.26 15.24
C TYR A 21 -5.39 -16.59 14.98
N CYS A 22 -5.44 -15.41 14.36
CA CYS A 22 -4.25 -14.67 13.94
C CYS A 22 -4.14 -13.43 14.81
N ASN A 23 -3.51 -13.58 15.97
CA ASN A 23 -3.32 -12.45 16.88
C ASN A 23 -2.41 -11.41 16.25
N SER A 24 -2.77 -10.13 16.40
CA SER A 24 -1.95 -9.05 15.88
C SER A 24 -2.27 -7.76 16.60
N SER A 25 -1.33 -6.82 16.54
CA SER A 25 -1.53 -5.44 16.95
C SER A 25 -1.46 -4.55 15.72
N THR A 26 -1.51 -3.23 15.91
CA THR A 26 -1.35 -2.27 14.83
C THR A 26 -2.40 -2.51 13.74
N THR A 27 -3.65 -2.19 14.12
CA THR A 27 -4.87 -2.68 13.47
C THR A 27 -4.75 -2.88 11.96
N LEU A 28 -5.16 -4.05 11.51
CA LEU A 28 -4.89 -4.52 10.15
C LEU A 28 -5.94 -3.99 9.20
N SER A 29 -5.48 -3.29 8.15
CA SER A 29 -6.39 -2.84 7.11
C SER A 29 -7.04 -4.03 6.42
N ASN A 30 -6.26 -5.08 6.15
CA ASN A 30 -6.77 -6.33 5.63
C ASN A 30 -5.90 -7.45 6.18
N ILE A 31 -6.41 -8.68 6.10
CA ILE A 31 -5.70 -9.84 6.62
C ILE A 31 -5.27 -10.80 5.50
N GLN A 32 -6.17 -11.07 4.54
CA GLN A 32 -5.93 -12.06 3.49
C GLN A 32 -5.71 -13.44 4.09
N TRP A 33 -5.83 -14.49 3.28
CA TRP A 33 -5.63 -15.84 3.79
C TRP A 33 -5.11 -16.70 2.66
N TYR A 34 -4.03 -17.44 2.93
CA TYR A 34 -3.34 -18.23 1.92
C TYR A 34 -3.31 -19.68 2.35
N LYS A 35 -3.80 -20.58 1.49
CA LYS A 35 -3.79 -22.01 1.76
C LYS A 35 -2.64 -22.60 0.95
N GLN A 36 -1.46 -22.65 1.55
CA GLN A 36 -0.29 -23.21 0.89
C GLN A 36 -0.41 -24.72 0.87
N ARG A 37 -0.88 -25.25 -0.25
CA ARG A 37 -0.89 -26.70 -0.43
C ARG A 37 0.54 -27.24 -0.30
N PRO A 38 0.74 -28.35 0.39
CA PRO A 38 2.10 -28.86 0.58
C PRO A 38 2.81 -29.07 -0.74
N GLY A 39 4.06 -28.61 -0.81
CA GLY A 39 4.82 -28.62 -2.03
C GLY A 39 4.19 -27.74 -3.10
N GLY A 40 3.72 -26.56 -2.70
CA GLY A 40 3.05 -25.67 -3.63
C GLY A 40 3.08 -24.25 -3.12
N HIS A 41 2.50 -23.37 -3.93
CA HIS A 41 2.44 -21.94 -3.66
C HIS A 41 1.27 -21.63 -2.74
N PRO A 42 1.34 -20.52 -1.99
CA PRO A 42 0.20 -20.12 -1.16
C PRO A 42 -0.96 -19.60 -2.00
N VAL A 43 -2.01 -20.40 -2.12
CA VAL A 43 -3.18 -20.03 -2.92
C VAL A 43 -3.97 -18.97 -2.17
N PHE A 44 -4.26 -17.86 -2.84
CA PHE A 44 -5.08 -16.81 -2.25
C PHE A 44 -6.49 -17.31 -2.05
N LEU A 45 -6.99 -17.23 -0.81
CA LEU A 45 -8.35 -17.63 -0.49
C LEU A 45 -9.32 -16.45 -0.54
N ILE A 46 -9.10 -15.45 0.31
CA ILE A 46 -9.92 -14.25 0.29
C ILE A 46 -9.21 -13.20 1.15
N GLN A 47 -9.45 -11.92 0.85
CA GLN A 47 -8.95 -10.83 1.68
C GLN A 47 -10.09 -10.33 2.54
N LEU A 48 -9.89 -10.33 3.86
CA LEU A 48 -10.91 -9.87 4.79
C LEU A 48 -10.66 -8.41 5.09
N VAL A 49 -11.23 -7.54 4.25
CA VAL A 49 -11.22 -6.12 4.53
C VAL A 49 -11.87 -5.86 5.88
N LYS A 50 -11.54 -4.72 6.50
CA LYS A 50 -12.05 -4.45 7.83
C LYS A 50 -13.52 -4.06 7.74
N SER A 51 -14.34 -4.98 7.25
CA SER A 51 -15.78 -4.89 7.37
C SER A 51 -16.29 -5.64 8.60
N GLY A 52 -15.38 -6.15 9.43
CA GLY A 52 -15.78 -7.05 10.49
C GLY A 52 -16.42 -8.29 9.91
N GLU A 53 -17.46 -8.77 10.59
CA GLU A 53 -18.30 -9.84 10.09
C GLU A 53 -17.51 -11.11 9.83
N VAL A 54 -18.16 -12.10 9.18
CA VAL A 54 -17.52 -13.34 8.79
C VAL A 54 -17.87 -13.61 7.34
N LYS A 55 -16.97 -14.28 6.63
CA LYS A 55 -17.18 -14.63 5.23
C LYS A 55 -17.14 -16.15 5.09
N LYS A 56 -17.97 -16.68 4.20
CA LYS A 56 -18.25 -18.11 4.18
C LYS A 56 -17.84 -18.71 2.83
N GLN A 57 -16.62 -18.43 2.39
CA GLN A 57 -16.12 -19.00 1.15
C GLN A 57 -16.09 -20.52 1.24
N LYS A 58 -16.85 -21.19 0.38
CA LYS A 58 -16.97 -22.65 0.33
C LYS A 58 -17.43 -23.09 1.72
N ARG A 59 -16.93 -24.20 2.26
CA ARG A 59 -17.27 -24.62 3.61
C ARG A 59 -16.36 -24.00 4.66
N LEU A 60 -15.31 -23.30 4.24
CA LEU A 60 -14.45 -22.62 5.18
C LEU A 60 -15.18 -21.40 5.73
N THR A 61 -14.82 -21.01 6.96
CA THR A 61 -15.41 -19.83 7.58
C THR A 61 -14.31 -18.86 7.96
N PHE A 62 -14.16 -17.79 7.18
CA PHE A 62 -13.25 -16.70 7.52
C PHE A 62 -13.92 -15.80 8.55
N GLN A 63 -13.11 -15.21 9.42
CA GLN A 63 -13.61 -14.27 10.41
C GLN A 63 -12.58 -13.16 10.60
N PHE A 64 -12.98 -11.94 10.28
CA PHE A 64 -12.18 -10.77 10.60
C PHE A 64 -12.83 -10.05 11.76
N GLY A 65 -12.04 -9.78 12.80
CA GLY A 65 -12.56 -9.21 14.03
C GLY A 65 -13.30 -7.91 13.84
N GLU A 66 -14.48 -7.79 14.45
CA GLU A 66 -15.26 -6.56 14.35
C GLU A 66 -14.67 -5.53 15.30
N ALA A 67 -13.37 -5.28 15.16
CA ALA A 67 -12.61 -4.42 16.05
C ALA A 67 -11.21 -4.29 15.47
N LYS A 68 -10.38 -3.52 16.16
CA LYS A 68 -9.01 -3.34 15.72
C LYS A 68 -8.19 -4.61 15.93
N LYS A 69 -7.26 -4.85 15.00
CA LYS A 69 -6.15 -5.80 15.12
C LYS A 69 -6.61 -7.18 15.62
N ASN A 70 -7.40 -7.84 14.78
CA ASN A 70 -7.83 -9.21 15.08
C ASN A 70 -8.28 -9.86 13.78
N SER A 71 -8.15 -11.19 13.73
CA SER A 71 -8.60 -11.99 12.59
C SER A 71 -8.69 -13.44 13.03
N SER A 72 -9.20 -14.28 12.14
CA SER A 72 -9.37 -15.71 12.42
C SER A 72 -9.68 -16.43 11.12
N LEU A 73 -9.90 -17.74 11.24
CA LEU A 73 -10.29 -18.60 10.13
C LEU A 73 -10.80 -19.92 10.70
N HIS A 74 -11.68 -20.58 9.95
CA HIS A 74 -12.32 -21.80 10.45
C HIS A 74 -12.72 -22.64 9.25
N ILE A 75 -12.17 -23.86 9.15
CA ILE A 75 -12.58 -24.79 8.10
C ILE A 75 -13.92 -25.44 8.37
N THR A 76 -14.40 -25.38 9.61
CA THR A 76 -15.51 -26.22 10.06
C THR A 76 -15.17 -27.67 9.76
N ALA A 77 -15.90 -28.29 8.83
CA ALA A 77 -15.68 -29.70 8.50
C ALA A 77 -14.41 -29.83 7.67
N THR A 78 -13.30 -30.13 8.34
CA THR A 78 -12.04 -30.33 7.65
C THR A 78 -12.09 -31.62 6.83
N GLN A 79 -11.20 -31.69 5.83
CA GLN A 79 -11.12 -32.85 4.97
C GLN A 79 -9.66 -33.08 4.57
N THR A 80 -9.45 -34.12 3.77
CA THR A 80 -8.08 -34.44 3.33
C THR A 80 -7.51 -33.34 2.45
N THR A 81 -8.33 -32.78 1.56
CA THR A 81 -7.86 -31.73 0.66
C THR A 81 -7.53 -30.44 1.38
N ASP A 82 -7.90 -30.31 2.65
CA ASP A 82 -7.62 -29.11 3.42
C ASP A 82 -6.20 -29.06 3.95
N VAL A 83 -5.43 -30.14 3.78
CA VAL A 83 -4.06 -30.18 4.31
C VAL A 83 -3.22 -29.09 3.66
N GLY A 84 -2.56 -28.30 4.48
CA GLY A 84 -1.72 -27.23 3.99
C GLY A 84 -1.36 -26.22 5.05
N THR A 85 -0.35 -25.39 4.78
CA THR A 85 0.11 -24.37 5.72
C THR A 85 -0.69 -23.10 5.48
N TYR A 86 -1.72 -22.88 6.28
CA TYR A 86 -2.53 -21.67 6.14
C TYR A 86 -1.78 -20.47 6.67
N PHE A 87 -1.74 -19.41 5.87
CA PHE A 87 -0.89 -18.26 6.13
C PHE A 87 -1.72 -17.01 6.39
N CYS A 88 -1.28 -16.21 7.34
CA CYS A 88 -1.81 -14.88 7.54
C CYS A 88 -1.14 -13.90 6.59
N ALA A 89 -1.61 -12.67 6.61
CA ALA A 89 -0.95 -11.56 5.94
C ALA A 89 -1.44 -10.27 6.57
N SER A 90 -0.68 -9.20 6.39
CA SER A 90 -1.12 -7.90 6.89
C SER A 90 -0.39 -6.82 6.11
N ASP A 91 -1.12 -6.13 5.24
CA ASP A 91 -0.54 -4.98 4.56
C ASP A 91 -0.16 -3.91 5.57
N ARG A 92 -1.03 -3.65 6.54
CA ARG A 92 -0.70 -2.91 7.75
C ARG A 92 -0.06 -1.56 7.42
N GLU A 93 -0.86 -0.62 6.90
CA GLU A 93 -0.39 0.71 6.52
C GLU A 93 0.64 1.23 7.49
N GLY A 94 1.80 1.61 6.97
CA GLY A 94 2.94 1.98 7.78
C GLY A 94 4.09 0.99 7.77
N GLY A 95 3.94 -0.17 7.14
CA GLY A 95 4.99 -1.16 7.12
C GLY A 95 5.83 -1.14 5.85
N SER A 96 7.16 -1.05 6.01
CA SER A 96 8.05 -1.07 4.85
C SER A 96 7.90 -2.38 4.09
N GLU A 97 7.93 -3.51 4.80
CA GLU A 97 7.60 -4.78 4.19
C GLU A 97 6.13 -4.78 3.79
N LYS A 98 5.84 -5.28 2.59
CA LYS A 98 4.48 -5.18 2.07
C LYS A 98 3.50 -6.02 2.88
N LEU A 99 3.72 -7.34 2.89
CA LEU A 99 2.87 -8.26 3.63
C LEU A 99 3.71 -8.95 4.69
N VAL A 100 3.34 -8.77 5.95
CA VAL A 100 3.93 -9.53 7.04
C VAL A 100 3.12 -10.79 7.24
N PHE A 101 3.77 -11.94 7.11
CA PHE A 101 3.10 -13.23 7.14
C PHE A 101 3.21 -13.86 8.51
N GLY A 102 2.12 -14.48 8.97
CA GLY A 102 2.22 -15.35 10.12
C GLY A 102 3.05 -16.58 9.80
N LYS A 103 3.58 -17.20 10.85
CA LYS A 103 4.48 -18.33 10.61
C LYS A 103 3.77 -19.56 10.09
N GLY A 104 2.49 -19.46 9.74
CA GLY A 104 1.76 -20.55 9.15
C GLY A 104 1.13 -21.46 10.19
N THR A 105 0.25 -22.34 9.71
CA THR A 105 -0.44 -23.31 10.55
C THR A 105 -0.55 -24.61 9.73
N LYS A 106 0.41 -25.51 9.93
CA LYS A 106 0.44 -26.75 9.18
C LYS A 106 -0.74 -27.63 9.58
N LEU A 107 -1.74 -27.70 8.70
CA LEU A 107 -2.95 -28.47 8.98
C LEU A 107 -2.80 -29.87 8.40
N THR A 108 -2.90 -30.88 9.28
CA THR A 108 -2.92 -32.27 8.87
C THR A 108 -4.18 -32.92 9.44
N VAL A 109 -4.75 -33.86 8.69
CA VAL A 109 -6.02 -34.47 9.05
C VAL A 109 -5.85 -35.99 9.07
N ASN A 110 -6.85 -36.65 9.67
CA ASN A 110 -6.88 -38.10 9.80
C ASN A 110 -8.19 -38.63 9.23
N PRO A 111 -8.15 -39.60 8.31
CA PRO A 111 -9.34 -39.96 7.54
C PRO A 111 -10.59 -40.38 8.32
N TYR A 112 -10.45 -41.04 9.46
CA TYR A 112 -11.55 -41.83 10.03
C TYR A 112 -12.02 -42.90 9.04
N ILE A 113 -11.13 -43.84 8.75
CA ILE A 113 -11.39 -44.91 7.80
C ILE A 113 -12.63 -45.70 8.20
N PRO A 116 -10.26 -50.23 9.07
CA PRO A 116 -8.80 -50.23 9.03
C PRO A 116 -8.20 -51.58 9.41
N ASP A 117 -7.66 -52.30 8.42
CA ASP A 117 -7.00 -53.58 8.63
C ASP A 117 -5.53 -53.48 8.26
N PRO A 118 -4.64 -53.19 9.21
CA PRO A 118 -3.23 -52.99 8.87
C PRO A 118 -2.60 -54.22 8.23
N ALA A 119 -1.74 -53.99 7.25
CA ALA A 119 -1.08 -55.07 6.54
C ALA A 119 0.21 -54.54 5.94
N VAL A 120 1.32 -55.22 6.22
CA VAL A 120 2.63 -54.85 5.68
C VAL A 120 2.96 -55.83 4.57
N TYR A 121 3.06 -55.33 3.35
CA TYR A 121 3.35 -56.18 2.19
C TYR A 121 4.84 -56.12 1.84
N LYS A 131 14.64 -55.21 -7.03
CA LYS A 131 14.32 -55.19 -5.61
C LYS A 131 12.83 -55.43 -5.37
N SER A 132 12.45 -55.49 -4.09
CA SER A 132 11.08 -55.73 -3.69
C SER A 132 10.64 -54.61 -2.76
N VAL A 133 9.34 -54.53 -2.51
CA VAL A 133 8.75 -53.46 -1.72
C VAL A 133 8.00 -54.05 -0.53
N CYS A 134 8.02 -53.31 0.58
CA CYS A 134 7.23 -53.63 1.76
C CYS A 134 6.28 -52.47 2.02
N LEU A 135 4.98 -52.76 2.02
CA LEU A 135 3.94 -51.73 2.01
C LEU A 135 3.04 -51.89 3.22
N PHE A 136 3.12 -50.94 4.15
CA PHE A 136 2.22 -50.88 5.30
C PHE A 136 0.96 -50.13 4.86
N THR A 137 -0.13 -50.85 4.65
CA THR A 137 -1.32 -50.27 4.05
C THR A 137 -2.56 -50.53 4.89
N ASP A 138 -3.53 -49.63 4.75
CA ASP A 138 -4.87 -49.78 5.33
C ASP A 138 -4.82 -49.89 6.85
N PHE A 139 -3.90 -49.17 7.49
CA PHE A 139 -3.79 -49.25 8.94
C PHE A 139 -4.64 -48.15 9.59
N ASP A 140 -4.66 -48.17 10.92
CA ASP A 140 -5.54 -47.30 11.68
C ASP A 140 -5.07 -45.85 11.59
N SER A 141 -6.02 -44.94 11.81
CA SER A 141 -5.72 -43.51 11.79
C SER A 141 -4.71 -43.14 12.86
N GLN A 142 -4.81 -43.75 14.04
CA GLN A 142 -3.93 -43.42 15.15
C GLN A 142 -2.58 -44.13 15.07
N THR A 143 -2.36 -44.95 14.05
CA THR A 143 -1.09 -45.67 13.89
C THR A 143 -0.03 -44.66 13.42
N ASN A 144 0.52 -43.93 14.37
CA ASN A 144 1.52 -42.91 14.09
C ASN A 144 2.87 -43.53 13.71
N ASP A 152 19.86 -48.34 6.56
CA ASP A 152 19.73 -49.42 5.59
C ASP A 152 18.29 -49.52 5.09
N VAL A 153 17.35 -49.62 6.01
CA VAL A 153 15.93 -49.70 5.68
C VAL A 153 15.34 -48.30 5.70
N TYR A 154 14.58 -47.97 4.66
CA TYR A 154 14.00 -46.65 4.48
C TYR A 154 12.49 -46.75 4.58
N ILE A 155 11.90 -45.93 5.46
CA ILE A 155 10.47 -45.96 5.74
C ILE A 155 9.86 -44.63 5.30
N THR A 156 8.69 -44.71 4.67
CA THR A 156 8.00 -43.53 4.18
C THR A 156 6.90 -43.12 5.15
N ASP A 157 6.82 -41.82 5.41
CA ASP A 157 5.77 -41.30 6.28
C ASP A 157 4.40 -41.61 5.69
N LYS A 158 3.45 -41.90 6.56
CA LYS A 158 2.12 -42.33 6.12
C LYS A 158 1.44 -41.20 5.35
N CYS A 159 0.70 -41.59 4.31
CA CYS A 159 -0.06 -40.65 3.51
C CYS A 159 -1.37 -41.31 3.08
N VAL A 160 -2.33 -40.47 2.68
CA VAL A 160 -3.71 -40.90 2.48
C VAL A 160 -4.03 -40.98 1.00
N LEU A 161 -4.94 -41.88 0.65
CA LEU A 161 -5.44 -42.02 -0.72
C LEU A 161 -6.87 -41.52 -0.74
N ASP A 162 -7.07 -40.25 -1.11
CA ASP A 162 -8.41 -39.68 -1.19
C ASP A 162 -9.10 -40.16 -2.45
N MET A 163 -9.41 -41.46 -2.46
CA MET A 163 -10.10 -42.07 -3.58
C MET A 163 -11.58 -41.73 -3.57
N PHE A 168 -10.40 -43.48 -0.35
CA PHE A 168 -10.57 -43.01 1.02
C PHE A 168 -9.99 -44.03 1.99
N LYS A 169 -9.61 -45.19 1.46
CA LYS A 169 -8.99 -46.23 2.27
C LYS A 169 -7.73 -45.71 2.95
N SER A 170 -6.86 -45.06 2.19
CA SER A 170 -5.80 -44.20 2.72
C SER A 170 -4.78 -44.92 3.58
N ASN A 171 -3.84 -44.14 4.14
CA ASN A 171 -2.84 -44.62 5.10
C ASN A 171 -2.05 -45.82 4.56
N SER A 172 -1.27 -45.55 3.52
CA SER A 172 -0.32 -46.50 2.97
C SER A 172 1.09 -46.03 3.25
N ALA A 173 1.91 -46.90 3.84
CA ALA A 173 3.30 -46.62 4.14
C ALA A 173 4.19 -47.64 3.44
N VAL A 174 5.37 -47.19 3.03
CA VAL A 174 6.28 -48.00 2.21
C VAL A 174 7.62 -48.12 2.91
N ALA A 175 8.14 -49.35 2.97
CA ALA A 175 9.49 -49.62 3.43
C ALA A 175 10.20 -50.47 2.40
N TRP A 176 11.51 -50.29 2.29
CA TRP A 176 12.27 -51.01 1.27
C TRP A 176 13.75 -50.88 1.59
N SER A 177 14.53 -51.82 1.08
CA SER A 177 15.98 -51.85 1.25
C SER A 177 16.55 -52.85 0.26
N ASN A 178 17.84 -53.14 0.39
CA ASN A 178 18.49 -54.10 -0.49
C ASN A 178 19.18 -55.21 0.29
N ALA A 185 10.57 -58.62 5.40
CA ALA A 185 9.12 -58.48 5.30
C ALA A 185 8.57 -57.78 6.54
N ASN A 186 9.23 -57.97 7.68
CA ASN A 186 8.79 -57.30 8.91
C ASN A 186 8.91 -55.79 8.79
N ALA A 187 9.99 -55.30 8.16
CA ALA A 187 10.16 -53.89 7.86
C ALA A 187 10.10 -53.01 9.10
N PHE A 188 8.92 -52.47 9.39
CA PHE A 188 8.76 -51.48 10.46
C PHE A 188 8.83 -52.12 11.83
N ASN A 189 10.04 -52.49 12.26
CA ASN A 189 10.22 -52.98 13.63
C ASN A 189 9.88 -51.90 14.64
N ASN A 190 10.28 -50.66 14.38
CA ASN A 190 9.96 -49.55 15.26
C ASN A 190 8.50 -49.17 15.03
N THR A 197 -1.79 -55.64 13.17
CA THR A 197 -1.03 -55.55 11.93
C THR A 197 -0.84 -56.93 11.32
N PHE A 198 -0.99 -57.02 10.00
CA PHE A 198 -0.91 -58.28 9.27
C PHE A 198 0.39 -58.33 8.49
N PHE A 199 1.09 -59.47 8.58
CA PHE A 199 2.39 -59.66 7.94
C PHE A 199 2.33 -60.94 7.10
N PRO A 200 1.86 -60.86 5.85
CA PRO A 200 1.79 -62.02 4.95
C PRO A 200 3.16 -62.56 4.57
N GLY B 1 -3.52 -16.46 -11.13
CA GLY B 1 -3.23 -16.43 -12.55
C GLY B 1 -1.86 -15.89 -12.87
N VAL B 2 -0.94 -16.01 -11.92
CA VAL B 2 0.42 -15.52 -12.06
C VAL B 2 1.27 -16.65 -12.62
N THR B 3 1.90 -16.41 -13.77
CA THR B 3 2.80 -17.37 -14.39
C THR B 3 4.23 -17.01 -14.02
N GLN B 4 4.93 -17.94 -13.39
CA GLN B 4 6.27 -17.70 -12.88
C GLN B 4 7.22 -18.79 -13.37
N THR B 5 8.38 -18.37 -13.88
CA THR B 5 9.41 -19.27 -14.38
C THR B 5 10.78 -18.78 -13.91
N PRO B 6 11.74 -19.69 -13.72
CA PRO B 6 11.68 -21.14 -13.87
C PRO B 6 10.98 -21.80 -12.69
N ARG B 7 10.69 -23.09 -12.81
CA ARG B 7 9.93 -23.77 -11.77
C ARG B 7 10.84 -24.44 -10.73
N TYR B 8 11.85 -25.17 -11.18
CA TYR B 8 12.77 -25.87 -10.29
C TYR B 8 14.23 -25.69 -10.72
N LEU B 9 14.65 -24.44 -10.91
CA LEU B 9 16.05 -24.16 -11.25
C LEU B 9 17.00 -24.70 -10.17
N ILE B 10 18.12 -25.29 -10.61
CA ILE B 10 19.01 -26.01 -9.71
C ILE B 10 20.46 -25.54 -9.85
N LYS B 11 20.67 -24.27 -10.18
CA LYS B 11 22.04 -23.80 -10.31
C LYS B 11 22.75 -23.81 -8.97
N THR B 12 24.06 -24.06 -9.01
CA THR B 12 24.86 -24.32 -7.82
C THR B 12 25.22 -23.01 -7.12
N ARG B 13 26.18 -23.08 -6.20
CA ARG B 13 26.66 -21.90 -5.50
C ARG B 13 27.26 -20.90 -6.49
N GLY B 14 27.40 -19.66 -6.04
CA GLY B 14 27.79 -18.61 -6.95
C GLY B 14 26.68 -18.38 -7.96
N GLN B 15 27.03 -18.45 -9.25
CA GLN B 15 26.08 -18.32 -10.35
C GLN B 15 25.32 -16.99 -10.29
N GLN B 16 24.35 -16.82 -11.19
CA GLN B 16 23.57 -15.59 -11.20
C GLN B 16 22.11 -15.87 -10.90
N VAL B 17 21.52 -16.82 -11.64
CA VAL B 17 20.15 -17.30 -11.41
C VAL B 17 19.13 -16.18 -11.57
N THR B 18 18.41 -16.17 -12.69
CA THR B 18 17.37 -15.19 -12.95
C THR B 18 16.01 -15.87 -12.86
N LEU B 19 15.13 -15.31 -12.02
CA LEU B 19 13.79 -15.83 -11.83
C LEU B 19 12.78 -14.83 -12.38
N SER B 20 11.89 -15.30 -13.24
CA SER B 20 10.97 -14.44 -13.96
C SER B 20 9.54 -14.61 -13.45
N CYS B 21 8.85 -13.49 -13.25
CA CYS B 21 7.45 -13.51 -12.85
C CYS B 21 6.63 -12.66 -13.82
N SER B 22 5.52 -13.22 -14.29
CA SER B 22 4.57 -12.49 -15.11
C SER B 22 3.29 -12.30 -14.32
N PRO B 23 3.05 -11.13 -13.75
CA PRO B 23 1.85 -10.93 -12.92
C PRO B 23 0.57 -11.05 -13.73
N ILE B 24 -0.55 -11.15 -13.01
CA ILE B 24 -1.85 -11.21 -13.66
C ILE B 24 -2.02 -9.96 -14.53
N SER B 25 -2.63 -10.16 -15.70
CA SER B 25 -2.83 -9.06 -16.66
C SER B 25 -3.53 -7.89 -15.99
N GLY B 26 -2.84 -6.76 -15.89
CA GLY B 26 -3.35 -5.59 -15.22
C GLY B 26 -2.74 -5.32 -13.86
N HIS B 27 -2.09 -6.31 -13.24
CA HIS B 27 -1.43 -6.11 -11.96
C HIS B 27 -0.13 -5.36 -12.18
N ARG B 28 -0.01 -4.18 -11.58
CA ARG B 28 1.13 -3.30 -11.80
C ARG B 28 2.11 -3.34 -10.63
N SER B 29 1.87 -4.20 -9.63
CA SER B 29 2.74 -4.34 -8.49
C SER B 29 3.15 -5.79 -8.34
N VAL B 30 4.44 -6.03 -8.16
CA VAL B 30 5.00 -7.36 -8.02
C VAL B 30 5.81 -7.42 -6.74
N SER B 31 5.53 -8.41 -5.90
CA SER B 31 6.25 -8.63 -4.64
C SER B 31 6.97 -9.97 -4.71
N TRP B 32 8.18 -10.01 -4.18
CA TRP B 32 9.04 -11.17 -4.27
C TRP B 32 9.23 -11.79 -2.89
N TYR B 33 9.04 -13.10 -2.79
CA TYR B 33 9.02 -13.79 -1.52
C TYR B 33 9.90 -15.03 -1.56
N GLN B 34 10.62 -15.27 -0.47
CA GLN B 34 11.50 -16.43 -0.33
C GLN B 34 10.92 -17.35 0.74
N GLN B 35 10.59 -18.58 0.35
CA GLN B 35 10.04 -19.55 1.28
C GLN B 35 11.13 -20.52 1.76
N THR B 36 11.98 -20.00 2.63
CA THR B 36 12.87 -20.87 3.38
C THR B 36 12.05 -21.58 4.46
N PRO B 37 12.12 -22.90 4.55
CA PRO B 37 11.34 -23.60 5.59
C PRO B 37 11.68 -23.15 7.00
N GLY B 38 12.91 -22.69 7.23
CA GLY B 38 13.29 -22.22 8.55
C GLY B 38 12.79 -20.83 8.90
N GLN B 39 12.38 -20.04 7.91
CA GLN B 39 11.92 -18.69 8.15
C GLN B 39 10.57 -18.37 7.53
N GLY B 40 9.96 -19.32 6.81
CA GLY B 40 8.67 -19.04 6.19
C GLY B 40 8.80 -18.02 5.07
N LEU B 41 7.65 -17.43 4.73
CA LEU B 41 7.61 -16.42 3.68
C LEU B 41 8.35 -15.16 4.11
N GLN B 42 9.53 -14.94 3.55
CA GLN B 42 10.35 -13.77 3.84
C GLN B 42 10.24 -12.77 2.69
N PHE B 43 9.98 -11.51 3.02
CA PHE B 43 9.86 -10.47 2.02
C PHE B 43 11.23 -10.14 1.46
N LEU B 44 11.40 -10.34 0.16
CA LEU B 44 12.64 -9.96 -0.51
C LEU B 44 12.61 -8.48 -0.89
N PHE B 45 11.68 -8.11 -1.78
CA PHE B 45 11.55 -6.79 -2.36
C PHE B 45 10.34 -6.75 -3.27
N GLU B 46 9.71 -5.58 -3.35
CA GLU B 46 8.49 -5.39 -4.14
C GLU B 46 8.75 -4.38 -5.25
N TYR B 47 8.19 -4.64 -6.43
CA TYR B 47 8.36 -3.79 -7.59
C TYR B 47 7.02 -3.28 -8.07
N PHE B 48 6.93 -1.97 -8.25
CA PHE B 48 5.72 -1.31 -8.75
C PHE B 48 6.15 -0.27 -9.78
N SER B 49 5.86 -0.54 -11.05
CA SER B 49 6.18 0.35 -12.15
C SER B 49 7.69 0.63 -12.22
N GLU B 50 8.45 -0.44 -12.46
CA GLU B 50 9.88 -0.38 -12.73
C GLU B 50 10.68 0.19 -11.57
N THR B 51 10.13 0.21 -10.36
CA THR B 51 10.79 0.83 -9.23
C THR B 51 10.67 -0.07 -8.02
N GLN B 52 11.75 -0.12 -7.23
CA GLN B 52 11.74 -0.88 -5.98
C GLN B 52 11.08 -0.04 -4.91
N ARG B 53 9.77 -0.24 -4.74
CA ARG B 53 9.05 0.52 -3.72
C ARG B 53 9.35 -0.03 -2.34
N ASN B 54 9.09 -1.32 -2.12
CA ASN B 54 9.29 -1.95 -0.84
C ASN B 54 10.38 -3.02 -0.96
N LYS B 55 11.37 -2.96 -0.07
CA LYS B 55 12.46 -3.91 -0.03
C LYS B 55 12.51 -4.58 1.33
N GLY B 56 12.72 -5.89 1.34
CA GLY B 56 12.82 -6.64 2.57
C GLY B 56 14.20 -6.55 3.18
N ASN B 57 14.48 -7.48 4.09
CA ASN B 57 15.75 -7.56 4.79
C ASN B 57 16.59 -8.67 4.15
N PHE B 58 17.23 -8.33 3.03
CA PHE B 58 18.09 -9.26 2.32
C PHE B 58 19.34 -8.54 1.84
N PRO B 59 20.46 -9.25 1.67
CA PRO B 59 21.69 -8.61 1.24
C PRO B 59 21.57 -8.05 -0.18
N GLY B 60 22.58 -7.25 -0.55
CA GLY B 60 22.60 -6.65 -1.87
C GLY B 60 22.64 -7.65 -3.00
N ARG B 61 23.07 -8.89 -2.71
CA ARG B 61 23.11 -9.92 -3.74
C ARG B 61 21.73 -10.36 -4.22
N PHE B 62 20.67 -9.95 -3.51
CA PHE B 62 19.31 -10.20 -3.94
C PHE B 62 18.81 -8.96 -4.69
N SER B 63 18.77 -9.03 -6.01
CA SER B 63 18.37 -7.91 -6.84
C SER B 63 17.29 -8.35 -7.81
N GLY B 64 16.43 -7.40 -8.17
CA GLY B 64 15.36 -7.67 -9.11
C GLY B 64 15.11 -6.47 -10.01
N ARG B 65 14.18 -6.65 -10.94
CA ARG B 65 13.76 -5.57 -11.83
C ARG B 65 12.36 -5.87 -12.33
N GLN B 66 11.70 -4.82 -12.82
CA GLN B 66 10.39 -4.95 -13.44
C GLN B 66 10.43 -4.30 -14.83
N PHE B 67 9.70 -4.90 -15.77
CA PHE B 67 9.72 -4.48 -17.16
C PHE B 67 8.57 -3.50 -17.43
N SER B 68 8.44 -3.11 -18.70
CA SER B 68 7.36 -2.21 -19.09
C SER B 68 5.99 -2.87 -18.93
N ASN B 69 5.90 -4.16 -19.26
CA ASN B 69 4.66 -4.91 -19.16
C ASN B 69 4.39 -5.42 -17.75
N SER B 70 5.02 -4.79 -16.75
CA SER B 70 4.83 -5.07 -15.33
C SER B 70 5.41 -6.43 -14.94
N ARG B 71 5.93 -7.18 -15.90
CA ARG B 71 6.64 -8.41 -15.58
C ARG B 71 7.91 -8.10 -14.82
N SER B 72 8.23 -8.94 -13.84
CA SER B 72 9.38 -8.71 -12.97
C SER B 72 10.29 -9.92 -12.96
N GLU B 73 11.58 -9.64 -12.84
CA GLU B 73 12.61 -10.67 -12.74
C GLU B 73 13.53 -10.33 -11.58
N MET B 74 14.07 -11.37 -10.93
CA MET B 74 15.00 -11.17 -9.84
C MET B 74 16.28 -11.96 -10.11
N ASN B 75 17.37 -11.46 -9.53
CA ASN B 75 18.68 -12.08 -9.66
C ASN B 75 19.25 -12.32 -8.26
N VAL B 76 19.80 -13.51 -8.05
CA VAL B 76 20.40 -13.91 -6.78
C VAL B 76 21.84 -14.30 -7.05
N SER B 77 22.76 -13.36 -6.86
CA SER B 77 24.17 -13.60 -7.12
C SER B 77 24.83 -14.27 -5.92
N THR B 78 26.03 -14.78 -6.16
CA THR B 78 26.92 -15.41 -5.16
C THR B 78 26.14 -16.25 -4.15
N LEU B 79 25.40 -17.23 -4.69
CA LEU B 79 24.59 -18.10 -3.87
C LEU B 79 25.44 -18.91 -2.88
N GLU B 80 24.93 -19.05 -1.67
CA GLU B 80 25.45 -19.99 -0.68
C GLU B 80 24.36 -21.00 -0.36
N LEU B 81 24.69 -21.93 0.54
CA LEU B 81 23.82 -23.08 0.79
C LEU B 81 22.46 -22.69 1.34
N GLY B 82 22.32 -21.50 1.91
CA GLY B 82 21.08 -21.12 2.55
C GLY B 82 19.99 -20.58 1.65
N ASP B 83 20.19 -20.58 0.33
CA ASP B 83 19.24 -19.99 -0.60
C ASP B 83 18.34 -21.02 -1.28
N SER B 84 18.44 -22.30 -0.89
CA SER B 84 17.64 -23.35 -1.52
C SER B 84 16.20 -23.25 -1.04
N ALA B 85 15.50 -22.25 -1.54
CA ALA B 85 14.15 -21.94 -1.12
C ALA B 85 13.22 -21.81 -2.31
N LEU B 86 11.93 -21.97 -2.04
CA LEU B 86 10.89 -21.78 -3.06
C LEU B 86 10.62 -20.29 -3.18
N TYR B 87 11.25 -19.64 -4.16
CA TYR B 87 11.06 -18.21 -4.36
C TYR B 87 9.69 -17.93 -4.97
N LEU B 88 9.00 -16.93 -4.44
CA LEU B 88 7.61 -16.67 -4.79
C LEU B 88 7.43 -15.25 -5.31
N CYS B 89 6.46 -15.10 -6.20
CA CYS B 89 6.07 -13.82 -6.75
C CYS B 89 4.66 -13.49 -6.31
N ALA B 90 4.48 -12.33 -5.69
CA ALA B 90 3.17 -11.87 -5.25
C ALA B 90 2.75 -10.69 -6.12
N SER B 91 1.75 -10.91 -6.96
CA SER B 91 1.29 -9.90 -7.90
C SER B 91 0.09 -9.17 -7.32
N SER B 92 0.26 -7.89 -7.04
CA SER B 92 -0.82 -7.04 -6.55
C SER B 92 -1.34 -6.17 -7.69
N LEU B 93 -2.66 -6.08 -7.80
CA LEU B 93 -3.26 -5.23 -8.82
C LEU B 93 -2.77 -3.79 -8.69
N TRP B 94 -2.55 -3.33 -7.46
CA TRP B 94 -1.91 -2.06 -7.23
C TRP B 94 -0.98 -2.22 -6.03
N THR B 95 0.02 -1.35 -5.95
CA THR B 95 0.97 -1.42 -4.86
C THR B 95 0.32 -0.92 -3.57
N GLY B 96 1.05 -1.06 -2.47
CA GLY B 96 0.57 -0.59 -1.20
C GLY B 96 -0.49 -1.49 -0.59
N VAL B 97 -1.11 -0.95 0.44
CA VAL B 97 -2.09 -1.68 1.23
C VAL B 97 -3.38 -1.81 0.45
N GLY B 98 -4.16 -2.83 0.78
CA GLY B 98 -5.53 -2.94 0.29
C GLY B 98 -5.69 -3.62 -1.04
N THR B 99 -4.71 -4.40 -1.49
CA THR B 99 -4.80 -5.11 -2.76
C THR B 99 -4.55 -6.59 -2.54
N GLU B 100 -5.38 -7.42 -3.17
CA GLU B 100 -5.26 -8.87 -3.07
C GLU B 100 -3.98 -9.31 -3.76
N ALA B 101 -2.97 -9.68 -2.97
CA ALA B 101 -1.68 -10.10 -3.51
C ALA B 101 -1.75 -11.57 -3.88
N PHE B 102 -2.10 -11.84 -5.13
CA PHE B 102 -2.10 -13.20 -5.63
C PHE B 102 -0.66 -13.72 -5.74
N PHE B 103 -0.52 -15.04 -5.82
CA PHE B 103 0.78 -15.68 -5.75
C PHE B 103 1.05 -16.52 -6.99
N GLY B 104 2.29 -16.45 -7.48
CA GLY B 104 2.70 -17.31 -8.56
C GLY B 104 3.03 -18.71 -8.08
N GLN B 105 3.17 -19.63 -9.04
CA GLN B 105 3.36 -21.04 -8.72
C GLN B 105 4.68 -21.31 -7.99
N GLY B 106 5.60 -20.36 -7.98
CA GLY B 106 6.81 -20.54 -7.19
C GLY B 106 7.97 -21.04 -8.02
N THR B 107 9.18 -20.65 -7.59
CA THR B 107 10.42 -21.12 -8.18
C THR B 107 11.20 -21.84 -7.08
N ARG B 108 11.25 -23.18 -7.17
CA ARG B 108 11.88 -24.00 -6.14
C ARG B 108 13.38 -24.04 -6.41
N LEU B 109 14.05 -22.95 -6.08
CA LEU B 109 15.49 -22.87 -6.25
C LEU B 109 16.19 -23.80 -5.27
N THR B 110 17.27 -24.44 -5.74
CA THR B 110 18.12 -25.25 -4.88
C THR B 110 19.58 -24.94 -5.18
N VAL B 111 20.31 -24.60 -4.13
CA VAL B 111 21.74 -24.28 -4.25
C VAL B 111 22.51 -25.56 -3.92
N VAL B 112 22.75 -26.36 -4.95
CA VAL B 112 23.49 -27.61 -4.76
C VAL B 112 24.96 -27.30 -4.51
N GLU B 113 25.59 -28.13 -3.66
CA GLU B 113 27.01 -27.94 -3.37
C GLU B 113 27.85 -28.01 -4.63
N ASP B 114 27.62 -29.00 -5.48
CA ASP B 114 28.31 -29.10 -6.75
C ASP B 114 27.43 -29.88 -7.71
N LEU B 115 27.60 -29.63 -9.00
CA LEU B 115 26.71 -30.20 -10.01
C LEU B 115 26.66 -31.72 -9.96
N LYS B 116 27.74 -32.37 -9.54
CA LYS B 116 27.76 -33.83 -9.48
C LYS B 116 26.74 -34.37 -8.48
N ASN B 117 26.42 -33.60 -7.44
CA ASN B 117 25.47 -34.03 -6.43
C ASN B 117 24.07 -34.17 -6.99
N VAL B 118 23.80 -33.60 -8.16
CA VAL B 118 22.50 -33.73 -8.81
C VAL B 118 22.46 -35.06 -9.55
N PHE B 119 21.46 -35.89 -9.23
CA PHE B 119 21.29 -37.18 -9.89
C PHE B 119 19.88 -37.30 -10.43
N PRO B 120 19.69 -38.06 -11.50
CA PRO B 120 18.34 -38.43 -11.92
C PRO B 120 17.75 -39.45 -10.96
N PRO B 121 16.44 -39.58 -10.91
CA PRO B 121 15.83 -40.55 -9.98
C PRO B 121 15.74 -41.95 -10.56
N GLU B 122 16.31 -42.93 -9.87
CA GLU B 122 16.06 -44.32 -10.22
C GLU B 122 14.60 -44.67 -9.93
N VAL B 123 13.95 -45.35 -10.86
CA VAL B 123 12.50 -45.48 -10.86
C VAL B 123 12.14 -46.95 -10.88
N ALA B 124 11.10 -47.32 -10.12
CA ALA B 124 10.65 -48.71 -10.06
C ALA B 124 9.18 -48.72 -9.66
N VAL B 125 8.30 -49.00 -10.64
CA VAL B 125 6.91 -49.29 -10.31
C VAL B 125 6.82 -50.73 -9.81
N PHE B 126 5.97 -50.96 -8.81
CA PHE B 126 5.89 -52.25 -8.16
C PHE B 126 4.49 -52.84 -8.32
N GLU B 127 4.43 -54.17 -8.41
CA GLU B 127 3.18 -54.88 -8.65
C GLU B 127 2.24 -54.73 -7.46
N PRO B 128 0.92 -54.81 -7.71
CA PRO B 128 -0.09 -54.74 -6.64
C PRO B 128 0.09 -55.80 -5.57
N ALA B 131 -1.13 -59.64 -4.94
CA ALA B 131 -0.67 -59.76 -3.56
C ALA B 131 -1.70 -59.20 -2.58
N GLU B 132 -2.27 -58.06 -2.94
CA GLU B 132 -3.26 -57.40 -2.09
C GLU B 132 -4.67 -57.58 -2.63
N ALA B 139 -4.95 -53.32 -4.16
CA ALA B 139 -4.14 -53.24 -5.37
C ALA B 139 -3.35 -51.94 -5.41
N THR B 140 -2.33 -51.84 -4.55
CA THR B 140 -1.55 -50.62 -4.41
C THR B 140 -0.30 -50.69 -5.27
N LEU B 141 -0.02 -49.60 -5.98
CA LEU B 141 1.17 -49.47 -6.82
C LEU B 141 2.11 -48.44 -6.19
N VAL B 142 3.41 -48.75 -6.20
CA VAL B 142 4.42 -47.92 -5.56
C VAL B 142 5.48 -47.57 -6.58
N CYS B 143 5.63 -46.27 -6.86
CA CYS B 143 6.65 -45.79 -7.81
C CYS B 143 7.77 -45.12 -7.02
N LEU B 144 8.77 -45.92 -6.64
CA LEU B 144 9.88 -45.42 -5.84
C LEU B 144 10.83 -44.61 -6.70
N ALA B 145 10.67 -43.30 -6.72
CA ALA B 145 11.73 -42.45 -7.21
C ALA B 145 12.89 -42.45 -6.23
N THR B 146 14.05 -42.88 -6.70
CA THR B 146 15.15 -43.22 -5.81
C THR B 146 16.42 -42.48 -6.22
N GLY B 147 17.13 -41.97 -5.23
CA GLY B 147 18.45 -41.39 -5.45
C GLY B 147 18.48 -40.16 -6.32
N PHE B 148 17.53 -39.25 -6.12
CA PHE B 148 17.52 -37.98 -6.83
C PHE B 148 17.86 -36.86 -5.87
N TYR B 149 18.45 -35.79 -6.42
CA TYR B 149 18.74 -34.60 -5.66
C TYR B 149 18.71 -33.44 -6.64
N PRO B 150 18.01 -32.34 -6.32
CA PRO B 150 17.24 -32.18 -5.09
C PRO B 150 15.81 -32.74 -5.19
N ASP B 151 14.97 -32.35 -4.23
CA ASP B 151 13.60 -32.83 -4.15
C ASP B 151 12.69 -32.06 -5.11
N HIS B 152 13.00 -32.08 -6.39
CA HIS B 152 12.29 -31.31 -7.40
C HIS B 152 11.38 -32.19 -8.24
N VAL B 153 10.76 -33.14 -7.60
CA VAL B 153 9.89 -34.13 -8.24
C VAL B 153 8.47 -33.61 -8.35
N GLU B 154 7.82 -33.93 -9.46
CA GLU B 154 6.40 -33.68 -9.68
C GLU B 154 5.69 -34.97 -10.10
N LEU B 155 6.01 -36.05 -9.41
CA LEU B 155 5.39 -37.35 -9.69
C LEU B 155 3.88 -37.26 -9.51
N SER B 156 3.13 -37.55 -10.59
CA SER B 156 1.67 -37.48 -10.54
C SER B 156 0.96 -38.72 -11.06
N TRP B 157 1.69 -39.77 -11.44
CA TRP B 157 1.10 -41.07 -11.75
C TRP B 157 0.12 -41.07 -12.94
N TRP B 158 0.62 -40.81 -14.15
CA TRP B 158 -0.14 -41.05 -15.37
C TRP B 158 -0.30 -42.55 -15.59
N VAL B 159 -1.49 -43.08 -15.31
CA VAL B 159 -1.74 -44.51 -15.53
C VAL B 159 -1.87 -44.81 -17.02
N ASN B 160 -2.62 -43.97 -17.74
CA ASN B 160 -2.84 -44.16 -19.17
C ASN B 160 -2.57 -42.89 -19.96
N GLY B 161 -1.72 -42.00 -19.44
CA GLY B 161 -1.42 -40.75 -20.08
C GLY B 161 -2.10 -39.55 -19.47
N LYS B 162 -2.96 -39.72 -18.47
CA LYS B 162 -3.65 -38.60 -17.83
C LYS B 162 -3.41 -38.66 -16.33
N GLU B 163 -3.41 -37.48 -15.71
CA GLU B 163 -3.33 -37.40 -14.26
C GLU B 163 -4.52 -38.12 -13.64
N VAL B 164 -4.32 -38.62 -12.42
CA VAL B 164 -5.30 -39.45 -11.74
C VAL B 164 -5.79 -38.79 -10.45
N HIS B 165 -4.89 -38.57 -9.49
CA HIS B 165 -5.20 -37.93 -8.22
C HIS B 165 -6.20 -38.73 -7.39
N SER B 166 -6.59 -39.91 -7.87
CA SER B 166 -7.40 -40.81 -7.05
C SER B 166 -6.59 -41.28 -5.84
N GLY B 167 -5.35 -41.67 -6.06
CA GLY B 167 -4.40 -41.93 -4.99
C GLY B 167 -3.01 -41.49 -5.42
N VAL B 168 -2.38 -40.62 -4.64
CA VAL B 168 -1.06 -40.12 -5.01
C VAL B 168 -0.04 -40.41 -3.91
N CYS B 169 -0.28 -39.90 -2.71
CA CYS B 169 0.65 -40.05 -1.58
C CYS B 169 2.06 -39.61 -1.94
N THR B 170 2.19 -38.52 -2.69
CA THR B 170 3.50 -37.91 -2.89
C THR B 170 4.01 -37.44 -1.53
N ASP B 171 5.05 -38.10 -1.03
CA ASP B 171 5.49 -37.86 0.33
C ASP B 171 5.98 -36.42 0.49
N PRO B 172 5.38 -35.63 1.39
CA PRO B 172 5.79 -34.24 1.62
C PRO B 172 7.09 -34.13 2.41
N PRO B 174 10.63 -35.48 0.79
CA PRO B 174 10.95 -36.90 0.65
C PRO B 174 12.08 -37.34 1.58
N LEU B 175 12.18 -38.64 1.82
CA LEU B 175 13.19 -39.16 2.74
C LEU B 175 14.59 -39.00 2.15
N LYS B 176 15.54 -38.69 3.03
CA LYS B 176 16.93 -38.51 2.63
C LYS B 176 17.68 -39.82 2.75
N GLU B 177 18.53 -40.11 1.76
CA GLU B 177 19.33 -41.33 1.81
C GLU B 177 20.30 -41.31 2.98
N GLN B 178 21.08 -40.24 3.11
CA GLN B 178 22.08 -40.11 4.17
C GLN B 178 21.90 -38.77 4.87
N PRO B 179 20.97 -38.69 5.83
CA PRO B 179 20.71 -37.46 6.59
C PRO B 179 21.93 -36.95 7.34
N SER B 184 23.30 -34.96 0.15
CA SER B 184 22.20 -35.70 0.77
C SER B 184 21.13 -36.04 -0.26
N ARG B 185 21.33 -37.15 -0.97
CA ARG B 185 20.40 -37.57 -2.01
C ARG B 185 19.06 -37.93 -1.41
N TYR B 186 17.98 -37.55 -2.12
CA TYR B 186 16.62 -37.81 -1.67
C TYR B 186 16.10 -39.10 -2.29
N ALA B 187 14.85 -39.43 -1.96
CA ALA B 187 14.12 -40.54 -2.53
C ALA B 187 12.65 -40.38 -2.17
N LEU B 188 11.78 -40.56 -3.16
CA LEU B 188 10.36 -40.31 -2.99
C LEU B 188 9.57 -41.58 -3.28
N SER B 189 8.42 -41.70 -2.62
CA SER B 189 7.50 -42.79 -2.86
C SER B 189 6.11 -42.22 -3.13
N SER B 190 5.36 -42.93 -3.95
CA SER B 190 3.98 -42.55 -4.23
C SER B 190 3.14 -43.82 -4.33
N ARG B 191 1.85 -43.68 -4.04
CA ARG B 191 0.94 -44.80 -3.98
C ARG B 191 -0.26 -44.54 -4.89
N LEU B 192 -0.74 -45.60 -5.54
CA LEU B 192 -1.93 -45.54 -6.37
C LEU B 192 -2.65 -46.88 -6.26
N ARG B 193 -3.98 -46.85 -6.19
CA ARG B 193 -4.78 -48.04 -5.99
C ARG B 193 -5.84 -48.16 -7.07
N VAL B 194 -6.10 -49.40 -7.49
CA VAL B 194 -7.13 -49.72 -8.47
C VAL B 194 -7.92 -50.91 -7.95
N SER B 195 -8.87 -51.38 -8.76
CA SER B 195 -9.71 -52.52 -8.38
C SER B 195 -8.87 -53.77 -8.11
N ARG B 207 1.02 -47.73 -14.80
CA ARG B 207 2.35 -47.16 -14.91
C ARG B 207 2.44 -45.80 -14.20
N CYS B 208 3.65 -45.42 -13.81
CA CYS B 208 3.90 -44.14 -13.16
C CYS B 208 4.79 -43.30 -14.05
N GLN B 209 5.00 -42.05 -13.65
CA GLN B 209 5.90 -41.16 -14.38
C GLN B 209 6.35 -40.05 -13.45
N VAL B 210 7.63 -40.07 -13.10
CA VAL B 210 8.22 -39.11 -12.17
C VAL B 210 9.03 -38.09 -12.96
N GLN B 211 8.69 -36.82 -12.80
CA GLN B 211 9.37 -35.72 -13.48
C GLN B 211 10.44 -35.11 -12.58
N PHE B 212 11.70 -35.36 -12.94
CA PHE B 212 12.82 -34.68 -12.32
C PHE B 212 13.18 -33.48 -13.19
N TYR B 213 12.62 -32.32 -12.84
CA TYR B 213 13.08 -31.10 -13.48
C TYR B 213 14.48 -30.78 -12.99
N GLY B 214 15.48 -31.34 -13.65
CA GLY B 214 16.84 -31.27 -13.19
C GLY B 214 17.66 -30.17 -13.84
N LEU B 215 18.88 -30.50 -14.25
CA LEU B 215 19.77 -29.52 -14.83
C LEU B 215 19.22 -29.04 -16.18
N SER B 216 19.62 -27.84 -16.57
CA SER B 216 19.24 -27.25 -17.83
C SER B 216 20.41 -27.31 -18.81
N GLU B 217 20.12 -26.98 -20.07
CA GLU B 217 21.16 -26.98 -21.09
C GLU B 217 22.24 -25.94 -20.79
N ASN B 218 21.88 -24.88 -20.06
CA ASN B 218 22.87 -23.89 -19.67
C ASN B 218 23.93 -24.50 -18.75
N ASP B 219 23.51 -25.35 -17.83
CA ASP B 219 24.43 -25.93 -16.86
C ASP B 219 25.39 -26.91 -17.54
N GLU B 220 26.67 -26.76 -17.25
CA GLU B 220 27.70 -27.64 -17.80
C GLU B 220 27.79 -28.92 -16.99
N TRP B 221 28.28 -29.98 -17.64
CA TRP B 221 28.45 -31.28 -17.02
C TRP B 221 29.89 -31.73 -17.19
N THR B 222 30.54 -32.08 -16.08
CA THR B 222 31.93 -32.54 -16.09
C THR B 222 32.04 -34.03 -15.83
N GLN B 223 30.94 -34.77 -15.85
CA GLN B 223 30.97 -36.20 -15.61
C GLN B 223 30.33 -36.98 -16.76
N LYS B 227 24.73 -36.79 -17.77
CA LYS B 227 24.21 -35.45 -17.46
C LYS B 227 22.82 -35.54 -16.86
N PRO B 228 22.67 -35.04 -15.64
CA PRO B 228 21.36 -35.03 -14.97
C PRO B 228 20.49 -33.87 -15.43
N VAL B 229 20.20 -33.83 -16.73
CA VAL B 229 19.31 -32.84 -17.33
C VAL B 229 17.90 -33.16 -16.85
N THR B 230 16.94 -32.29 -17.14
CA THR B 230 15.56 -32.60 -16.79
C THR B 230 15.10 -33.83 -17.58
N GLN B 231 14.97 -34.96 -16.89
CA GLN B 231 14.53 -36.19 -17.52
C GLN B 231 13.06 -36.43 -17.20
N ILE B 232 12.30 -36.80 -18.23
CA ILE B 232 10.92 -37.25 -18.02
C ILE B 232 10.99 -38.76 -17.93
N VAL B 233 11.21 -39.28 -16.72
CA VAL B 233 11.50 -40.70 -16.54
C VAL B 233 10.27 -41.39 -15.95
N SER B 234 9.93 -42.54 -16.50
CA SER B 234 8.72 -43.25 -16.10
C SER B 234 9.02 -44.70 -15.73
N ALA B 235 7.96 -45.47 -15.50
CA ALA B 235 8.06 -46.91 -15.31
C ALA B 235 6.73 -47.53 -15.68
N GLU B 236 6.77 -48.56 -16.52
CA GLU B 236 5.58 -49.17 -17.08
C GLU B 236 5.16 -50.38 -16.28
N ALA B 237 3.86 -50.51 -16.06
CA ALA B 237 3.31 -51.65 -15.34
C ALA B 237 2.02 -52.13 -16.00
N PHE C 1 2.65 7.32 7.44
CA PHE C 1 1.63 8.25 7.92
C PHE C 1 0.82 8.78 6.75
N THR C 2 1.44 8.77 5.57
CA THR C 2 0.68 8.92 4.34
C THR C 2 0.01 7.58 4.02
N SER C 3 -1.19 7.65 3.44
CA SER C 3 -1.99 6.45 3.21
C SER C 3 -1.24 5.46 2.33
N ASP C 4 -0.93 4.30 2.89
CA ASP C 4 -0.35 3.24 2.08
C ASP C 4 -1.40 2.60 1.18
N TYR C 5 -2.68 2.93 1.38
CA TYR C 5 -3.77 2.38 0.59
C TYR C 5 -4.03 3.29 -0.61
N TYR C 6 -4.19 2.68 -1.79
CA TYR C 6 -4.45 3.42 -3.02
C TYR C 6 -5.63 2.75 -3.72
N GLN C 7 -6.83 3.24 -3.44
CA GLN C 7 -8.01 2.75 -4.13
C GLN C 7 -8.17 3.44 -5.47
N LEU C 8 -8.42 2.65 -6.51
CA LEU C 8 -8.43 3.13 -7.88
C LEU C 8 -9.83 3.59 -8.27
N TYR C 9 -9.87 4.60 -9.13
CA TYR C 9 -11.13 5.12 -9.65
C TYR C 9 -11.76 4.13 -10.61
N HIS D 1 -7.63 19.19 16.48
CA HIS D 1 -6.50 19.08 15.58
C HIS D 1 -6.82 18.12 14.43
N SER D 2 -6.15 18.33 13.29
CA SER D 2 -6.40 17.53 12.10
C SER D 2 -5.14 17.47 11.26
N MET D 3 -5.05 16.46 10.40
CA MET D 3 -3.95 16.32 9.45
C MET D 3 -4.55 16.16 8.06
N ARG D 4 -4.30 17.14 7.20
CA ARG D 4 -4.84 17.15 5.86
C ARG D 4 -3.75 16.79 4.86
N TYR D 5 -4.09 15.91 3.92
CA TYR D 5 -3.22 15.57 2.80
C TYR D 5 -3.91 15.98 1.51
N PHE D 6 -3.48 17.09 0.93
CA PHE D 6 -4.03 17.59 -0.33
C PHE D 6 -3.19 17.07 -1.48
N PHE D 7 -3.86 16.46 -2.46
CA PHE D 7 -3.20 15.88 -3.63
C PHE D 7 -3.71 16.57 -4.87
N THR D 8 -2.79 17.07 -5.70
CA THR D 8 -3.13 17.70 -6.97
C THR D 8 -2.46 16.92 -8.08
N SER D 9 -3.23 16.56 -9.11
CA SER D 9 -2.75 15.65 -10.15
C SER D 9 -3.10 16.21 -11.53
N VAL D 10 -2.79 17.48 -11.76
CA VAL D 10 -3.03 18.10 -13.06
C VAL D 10 -2.29 17.33 -14.14
N SER D 11 -3.03 16.80 -15.11
CA SER D 11 -2.43 16.07 -16.20
C SER D 11 -1.81 17.04 -17.20
N ARG D 12 -0.96 16.50 -18.08
CA ARG D 12 -0.33 17.28 -19.14
C ARG D 12 -0.50 16.53 -20.45
N PRO D 13 -1.16 17.13 -21.45
CA PRO D 13 -1.35 16.43 -22.73
C PRO D 13 -0.09 16.38 -23.57
N GLY D 14 0.81 15.44 -23.27
CA GLY D 14 2.04 15.29 -24.01
C GLY D 14 3.20 16.14 -23.52
N ARG D 15 2.98 17.00 -22.53
CA ARG D 15 4.06 17.78 -21.95
C ARG D 15 4.86 16.99 -20.93
N GLY D 16 4.57 15.71 -20.75
CA GLY D 16 5.26 14.87 -19.81
C GLY D 16 4.28 14.07 -19.00
N GLU D 17 4.73 13.59 -17.86
CA GLU D 17 3.86 12.87 -16.95
C GLU D 17 3.08 13.84 -16.08
N PRO D 18 1.90 13.45 -15.62
CA PRO D 18 1.05 14.37 -14.85
C PRO D 18 1.77 14.90 -13.61
N ARG D 19 1.64 16.20 -13.39
CA ARG D 19 2.19 16.83 -12.20
C ARG D 19 1.42 16.35 -10.98
N PHE D 20 2.15 16.00 -9.92
CA PHE D 20 1.56 15.40 -8.73
C PHE D 20 1.98 16.21 -7.49
N ILE D 21 1.78 17.52 -7.56
CA ILE D 21 2.01 18.36 -6.39
C ILE D 21 1.16 17.81 -5.25
N ALA D 22 1.80 17.30 -4.20
CA ALA D 22 1.10 16.73 -3.06
C ALA D 22 1.68 17.32 -1.78
N VAL D 23 0.80 17.71 -0.87
CA VAL D 23 1.21 18.43 0.34
C VAL D 23 0.59 17.77 1.56
N GLY D 24 1.21 18.02 2.71
CA GLY D 24 0.68 17.57 3.97
C GLY D 24 0.39 18.71 4.90
N TYR D 25 -0.84 18.76 5.43
CA TYR D 25 -1.29 19.86 6.26
C TYR D 25 -1.84 19.29 7.57
N VAL D 26 -0.98 19.14 8.57
CA VAL D 26 -1.46 18.86 9.91
C VAL D 26 -1.87 20.17 10.55
N ASP D 27 -3.13 20.24 11.00
CA ASP D 27 -3.75 21.51 11.40
C ASP D 27 -3.64 22.46 10.19
N ASP D 28 -3.52 23.75 10.44
CA ASP D 28 -3.30 24.71 9.36
C ASP D 28 -1.82 25.01 9.16
N THR D 29 -1.00 23.95 9.05
CA THR D 29 0.43 24.10 8.83
C THR D 29 0.89 23.00 7.88
N GLN D 30 1.51 23.40 6.78
CA GLN D 30 2.08 22.43 5.85
C GLN D 30 3.42 21.94 6.39
N PHE D 31 3.61 20.62 6.36
CA PHE D 31 4.83 20.03 6.90
C PHE D 31 5.57 19.11 5.92
N VAL D 32 4.88 18.49 4.98
CA VAL D 32 5.52 17.67 3.95
C VAL D 32 5.02 18.11 2.59
N ARG D 33 5.92 18.13 1.61
CA ARG D 33 5.57 18.45 0.23
C ARG D 33 6.15 17.40 -0.70
N PHE D 34 5.35 16.99 -1.69
CA PHE D 34 5.81 16.14 -2.78
C PHE D 34 5.52 16.87 -4.09
N ASP D 35 6.57 17.08 -4.88
CA ASP D 35 6.44 17.71 -6.19
C ASP D 35 6.94 16.72 -7.24
N SER D 36 6.05 16.29 -8.13
CA SER D 36 6.45 15.37 -9.18
C SER D 36 7.43 15.99 -10.15
N ASP D 37 7.50 17.33 -10.20
CA ASP D 37 8.45 18.03 -11.04
C ASP D 37 9.69 18.47 -10.28
N ALA D 38 9.80 18.14 -8.99
CA ALA D 38 10.96 18.53 -8.20
C ALA D 38 12.18 17.72 -8.62
N ALA D 39 13.35 18.35 -8.51
CA ALA D 39 14.59 17.67 -8.85
C ALA D 39 14.86 16.50 -7.91
N SER D 40 14.61 16.70 -6.61
CA SER D 40 14.91 15.66 -5.64
C SER D 40 14.02 14.43 -5.81
N GLN D 41 12.78 14.64 -6.26
CA GLN D 41 11.79 13.55 -6.36
C GLN D 41 11.59 12.88 -5.01
N LYS D 42 11.70 13.67 -3.94
CA LYS D 42 11.71 13.17 -2.57
C LYS D 42 10.66 13.91 -1.75
N MET D 43 10.54 13.51 -0.49
CA MET D 43 9.70 14.19 0.49
C MET D 43 10.47 15.34 1.11
N GLU D 44 10.33 16.52 0.52
CA GLU D 44 10.97 17.69 1.09
C GLU D 44 10.25 18.10 2.37
N PRO D 45 10.95 18.19 3.50
CA PRO D 45 10.30 18.65 4.72
C PRO D 45 9.89 20.11 4.62
N ARG D 46 8.74 20.45 5.20
CA ARG D 46 8.24 21.81 5.16
C ARG D 46 8.03 22.40 6.54
N ALA D 47 8.33 21.66 7.61
CA ALA D 47 8.22 22.15 8.96
C ALA D 47 9.51 21.87 9.71
N PRO D 48 9.89 22.74 10.65
CA PRO D 48 11.11 22.49 11.43
C PRO D 48 11.02 21.28 12.33
N TRP D 49 9.82 20.80 12.63
CA TRP D 49 9.64 19.65 13.51
C TRP D 49 9.52 18.33 12.76
N ILE D 50 9.44 18.36 11.43
CA ILE D 50 9.39 17.14 10.65
C ILE D 50 10.76 16.76 10.08
N GLU D 51 11.72 17.69 10.09
CA GLU D 51 13.07 17.39 9.65
C GLU D 51 13.79 16.43 10.59
N GLN D 52 13.25 16.21 11.79
CA GLN D 52 13.84 15.28 12.75
C GLN D 52 13.43 13.83 12.50
N GLU D 53 12.45 13.60 11.64
CA GLU D 53 11.99 12.24 11.40
C GLU D 53 13.06 11.42 10.69
N GLY D 54 13.02 10.12 10.92
CA GLY D 54 14.06 9.22 10.45
C GLY D 54 14.05 9.06 8.94
N PRO D 55 15.22 8.74 8.38
CA PRO D 55 15.30 8.49 6.93
C PRO D 55 14.42 7.35 6.48
N GLU D 56 14.15 6.37 7.35
CA GLU D 56 13.20 5.32 7.00
C GLU D 56 11.81 5.91 6.77
N TYR D 57 11.40 6.85 7.62
CA TYR D 57 10.11 7.49 7.43
C TYR D 57 10.07 8.28 6.13
N TRP D 58 11.15 9.00 5.81
CA TRP D 58 11.17 9.79 4.59
C TRP D 58 11.11 8.89 3.36
N ASP D 59 11.85 7.78 3.38
CA ASP D 59 11.79 6.82 2.29
C ASP D 59 10.40 6.22 2.17
N GLN D 60 9.77 5.90 3.30
CA GLN D 60 8.42 5.36 3.26
C GLN D 60 7.45 6.34 2.63
N GLU D 61 7.53 7.61 3.03
CA GLU D 61 6.62 8.63 2.51
C GLU D 61 6.87 8.88 1.03
N THR D 62 8.14 8.94 0.61
CA THR D 62 8.43 9.21 -0.79
C THR D 62 8.03 8.05 -1.68
N ARG D 63 8.24 6.81 -1.23
CA ARG D 63 7.73 5.68 -1.99
C ARG D 63 6.21 5.71 -2.02
N ASN D 64 5.58 6.13 -0.91
CA ASN D 64 4.13 6.12 -0.84
C ASN D 64 3.51 7.12 -1.80
N MET D 65 4.03 8.33 -1.87
CA MET D 65 3.42 9.25 -2.81
C MET D 65 4.03 9.19 -4.21
N LYS D 66 5.13 8.46 -4.42
CA LYS D 66 5.40 8.02 -5.78
C LYS D 66 4.32 7.03 -6.24
N ALA D 67 3.96 6.10 -5.36
CA ALA D 67 2.85 5.20 -5.66
C ALA D 67 1.55 5.96 -5.85
N HIS D 68 1.33 7.00 -5.04
CA HIS D 68 0.14 7.83 -5.21
C HIS D 68 0.18 8.61 -6.52
N SER D 69 1.38 9.03 -6.94
CA SER D 69 1.50 9.69 -8.24
C SER D 69 1.07 8.76 -9.36
N GLN D 70 1.63 7.54 -9.40
CA GLN D 70 1.18 6.59 -10.42
C GLN D 70 -0.28 6.22 -10.25
N THR D 71 -0.78 6.20 -9.01
CA THR D 71 -2.21 5.99 -8.77
C THR D 71 -3.03 7.08 -9.42
N ASP D 72 -2.58 8.33 -9.32
CA ASP D 72 -3.30 9.43 -9.93
C ASP D 72 -3.17 9.40 -11.45
N ARG D 73 -2.04 8.92 -11.98
CA ARG D 73 -1.94 8.67 -13.42
C ARG D 73 -3.02 7.70 -13.88
N ALA D 74 -3.10 6.54 -13.22
CA ALA D 74 -4.10 5.55 -13.59
C ALA D 74 -5.52 6.09 -13.39
N ASN D 75 -5.75 6.83 -12.31
CA ASN D 75 -7.07 7.41 -12.07
C ASN D 75 -7.41 8.44 -13.13
N LEU D 76 -6.44 9.23 -13.59
CA LEU D 76 -6.68 10.16 -14.68
C LEU D 76 -7.06 9.43 -15.94
N GLY D 77 -6.37 8.32 -16.25
CA GLY D 77 -6.76 7.53 -17.39
C GLY D 77 -8.19 7.01 -17.28
N THR D 78 -8.52 6.45 -16.11
CA THR D 78 -9.86 5.90 -15.90
C THR D 78 -10.93 6.98 -15.97
N LEU D 79 -10.68 8.16 -15.40
CA LEU D 79 -11.65 9.24 -15.44
C LEU D 79 -11.81 9.80 -16.85
N ARG D 80 -10.70 9.99 -17.56
CA ARG D 80 -10.78 10.40 -18.96
C ARG D 80 -11.59 9.40 -19.77
N GLY D 81 -11.52 8.11 -19.42
CA GLY D 81 -12.44 7.15 -20.01
C GLY D 81 -13.87 7.36 -19.56
N TYR D 82 -14.06 7.67 -18.26
CA TYR D 82 -15.39 7.83 -17.69
C TYR D 82 -16.08 9.07 -18.24
N TYR D 83 -15.40 10.21 -18.18
CA TYR D 83 -15.97 11.47 -18.67
C TYR D 83 -15.98 11.56 -20.18
N ASN D 84 -15.39 10.59 -20.88
CA ASN D 84 -15.29 10.61 -22.35
C ASN D 84 -14.57 11.87 -22.84
N GLN D 85 -13.60 12.34 -22.07
CA GLN D 85 -12.85 13.54 -22.42
C GLN D 85 -11.65 13.16 -23.29
N SER D 86 -11.14 14.14 -24.02
CA SER D 86 -9.98 13.90 -24.86
C SER D 86 -8.69 13.97 -24.04
N GLU D 87 -7.66 13.28 -24.53
CA GLU D 87 -6.35 13.34 -23.88
C GLU D 87 -5.71 14.71 -24.01
N ASP D 88 -6.16 15.53 -24.98
CA ASP D 88 -5.57 16.83 -25.21
C ASP D 88 -5.85 17.82 -24.08
N GLY D 89 -6.76 17.50 -23.17
CA GLY D 89 -7.10 18.38 -22.07
C GLY D 89 -6.24 18.11 -20.85
N SER D 90 -5.95 19.19 -20.12
CA SER D 90 -5.19 19.09 -18.86
C SER D 90 -6.19 18.90 -17.73
N HIS D 91 -6.44 17.63 -17.38
CA HIS D 91 -7.43 17.28 -16.38
C HIS D 91 -6.76 17.17 -15.01
N THR D 92 -7.53 17.49 -13.97
CA THR D 92 -7.03 17.55 -12.60
C THR D 92 -7.78 16.56 -11.72
N ILE D 93 -7.04 15.75 -10.98
CA ILE D 93 -7.59 14.94 -9.90
C ILE D 93 -7.05 15.52 -8.61
N GLN D 94 -7.89 16.19 -7.85
CA GLN D 94 -7.50 16.76 -6.57
C GLN D 94 -8.13 15.95 -5.44
N ILE D 95 -7.28 15.39 -4.59
CA ILE D 95 -7.68 14.40 -3.59
C ILE D 95 -7.28 14.92 -2.21
N MET D 96 -8.20 14.84 -1.27
CA MET D 96 -7.92 15.22 0.12
C MET D 96 -8.49 14.16 1.04
N TYR D 97 -7.63 13.59 1.89
CA TYR D 97 -8.07 12.76 3.00
C TYR D 97 -7.38 13.23 4.28
N GLY D 98 -8.07 13.06 5.40
CA GLY D 98 -7.53 13.49 6.67
C GLY D 98 -8.39 13.01 7.81
N CYS D 99 -7.89 13.21 9.02
CA CYS D 99 -8.52 12.71 10.23
C CYS D 99 -8.46 13.75 11.32
N ASP D 100 -9.57 13.89 12.05
CA ASP D 100 -9.69 14.85 13.14
C ASP D 100 -9.45 14.15 14.48
N VAL D 101 -8.80 14.88 15.40
CA VAL D 101 -8.59 14.39 16.74
C VAL D 101 -9.05 15.47 17.73
N GLY D 102 -9.37 15.02 18.94
CA GLY D 102 -9.70 15.94 20.01
C GLY D 102 -8.45 16.41 20.72
N PRO D 103 -8.63 17.22 21.78
CA PRO D 103 -7.47 17.63 22.57
C PRO D 103 -6.77 16.47 23.25
N ASP D 104 -7.45 15.34 23.43
CA ASP D 104 -6.88 14.15 24.05
C ASP D 104 -6.14 13.26 23.05
N GLY D 105 -6.14 13.62 21.77
CA GLY D 105 -5.54 12.79 20.75
C GLY D 105 -6.44 11.70 20.22
N ARG D 106 -7.66 11.58 20.73
CA ARG D 106 -8.59 10.56 20.26
C ARG D 106 -9.21 10.98 18.95
N PHE D 107 -9.32 10.03 18.02
CA PHE D 107 -9.89 10.29 16.71
C PHE D 107 -11.33 10.78 16.82
N LEU D 108 -11.65 11.86 16.10
CA LEU D 108 -13.00 12.41 16.09
C LEU D 108 -13.73 12.12 14.79
N ARG D 109 -13.17 12.51 13.65
CA ARG D 109 -13.88 12.42 12.38
C ARG D 109 -12.87 12.35 11.25
N GLY D 110 -13.09 11.44 10.31
CA GLY D 110 -12.19 11.23 9.20
C GLY D 110 -12.71 11.83 7.91
N TYR D 111 -11.78 12.29 7.08
CA TYR D 111 -12.10 12.88 5.79
C TYR D 111 -11.39 12.10 4.69
N ARG D 112 -12.09 11.89 3.57
CA ARG D 112 -11.49 11.40 2.34
C ARG D 112 -12.41 11.87 1.20
N GLN D 113 -12.01 12.95 0.55
CA GLN D 113 -12.81 13.60 -0.47
C GLN D 113 -12.02 13.71 -1.76
N ASP D 114 -12.68 13.45 -2.88
CA ASP D 114 -12.02 13.40 -4.18
C ASP D 114 -12.75 14.33 -5.14
N ALA D 115 -12.00 15.07 -5.94
CA ALA D 115 -12.58 15.97 -6.92
C ALA D 115 -11.86 15.82 -8.25
N TYR D 116 -12.62 15.69 -9.32
CA TYR D 116 -12.10 15.62 -10.68
C TYR D 116 -12.52 16.87 -11.43
N ASP D 117 -11.54 17.62 -11.94
CA ASP D 117 -11.79 18.83 -12.71
C ASP D 117 -12.65 19.81 -11.93
N GLY D 118 -12.34 19.98 -10.65
CA GLY D 118 -13.04 20.95 -9.82
C GLY D 118 -14.28 20.46 -9.10
N LYS D 119 -15.15 19.76 -9.82
CA LYS D 119 -16.37 19.25 -9.21
C LYS D 119 -16.04 18.14 -8.21
N ASP D 120 -16.81 18.08 -7.13
CA ASP D 120 -16.59 17.12 -6.06
C ASP D 120 -16.93 15.73 -6.58
N TYR D 121 -15.90 14.95 -6.91
CA TYR D 121 -16.13 13.65 -7.53
C TYR D 121 -16.74 12.67 -6.54
N ILE D 122 -16.02 12.36 -5.45
CA ILE D 122 -16.49 11.40 -4.47
C ILE D 122 -15.85 11.74 -3.14
N ALA D 123 -16.61 11.58 -2.05
CA ALA D 123 -16.11 11.92 -0.73
C ALA D 123 -16.53 10.84 0.26
N LEU D 124 -15.80 10.79 1.38
CA LEU D 124 -16.12 9.87 2.46
C LEU D 124 -16.98 10.59 3.50
N ASN D 125 -18.08 9.96 3.89
CA ASN D 125 -19.04 10.58 4.78
C ASN D 125 -18.49 10.62 6.20
N GLU D 126 -19.31 11.10 7.14
CA GLU D 126 -18.89 11.16 8.53
C GLU D 126 -18.82 9.78 9.17
N ASP D 127 -19.62 8.83 8.69
CA ASP D 127 -19.58 7.48 9.24
C ASP D 127 -18.29 6.76 8.89
N LEU D 128 -17.68 7.11 7.75
CA LEU D 128 -16.49 6.45 7.20
C LEU D 128 -16.78 5.03 6.73
N ARG D 129 -18.06 4.68 6.51
CA ARG D 129 -18.42 3.37 5.98
C ARG D 129 -18.91 3.41 4.55
N SER D 130 -19.34 4.58 4.05
CA SER D 130 -19.84 4.70 2.70
C SER D 130 -19.32 5.99 2.09
N TRP D 131 -19.54 6.14 0.79
CA TRP D 131 -19.05 7.27 0.01
C TRP D 131 -20.22 8.11 -0.49
N THR D 132 -19.88 9.32 -0.96
CA THR D 132 -20.81 10.18 -1.66
C THR D 132 -20.54 10.08 -3.16
N ALA D 133 -21.26 10.90 -3.94
CA ALA D 133 -21.09 10.89 -5.38
C ALA D 133 -21.67 12.18 -5.95
N ALA D 134 -21.31 12.46 -7.21
CA ALA D 134 -21.85 13.60 -7.92
C ALA D 134 -22.40 13.28 -9.30
N ASP D 135 -21.82 12.31 -10.00
CA ASP D 135 -22.24 12.00 -11.36
C ASP D 135 -22.11 10.50 -11.59
N MET D 136 -22.39 10.08 -12.83
CA MET D 136 -22.36 8.65 -13.14
C MET D 136 -20.97 8.06 -13.00
N ALA D 137 -19.93 8.84 -13.31
CA ALA D 137 -18.58 8.37 -13.06
C ALA D 137 -18.35 8.16 -11.57
N ALA D 138 -18.85 9.07 -10.75
CA ALA D 138 -18.80 8.87 -9.31
C ALA D 138 -19.61 7.65 -8.89
N GLN D 139 -20.67 7.31 -9.65
CA GLN D 139 -21.40 6.08 -9.36
C GLN D 139 -20.55 4.85 -9.67
N ILE D 140 -19.78 4.88 -10.76
CA ILE D 140 -18.91 3.75 -11.07
C ILE D 140 -17.84 3.61 -10.01
N THR D 141 -17.26 4.74 -9.58
CA THR D 141 -16.28 4.69 -8.50
C THR D 141 -16.92 4.20 -7.20
N LYS D 142 -18.16 4.59 -6.94
CA LYS D 142 -18.91 4.09 -5.79
C LYS D 142 -19.01 2.57 -5.84
N ARG D 143 -19.44 2.03 -6.99
CA ARG D 143 -19.57 0.59 -7.11
C ARG D 143 -18.25 -0.12 -6.94
N LYS D 144 -17.17 0.43 -7.53
CA LYS D 144 -15.87 -0.19 -7.40
C LYS D 144 -15.37 -0.18 -5.96
N TRP D 145 -15.59 0.93 -5.24
CA TRP D 145 -15.08 1.06 -3.88
C TRP D 145 -15.98 0.42 -2.84
N GLU D 146 -17.20 0.07 -3.19
CA GLU D 146 -18.05 -0.71 -2.30
C GLU D 146 -18.00 -2.20 -2.60
N ALA D 147 -17.57 -2.58 -3.80
CA ALA D 147 -17.34 -4.00 -4.09
C ALA D 147 -16.11 -4.53 -3.38
N VAL D 148 -15.07 -3.70 -3.24
CA VAL D 148 -13.87 -4.08 -2.53
C VAL D 148 -13.80 -3.45 -1.13
N HIS D 149 -14.88 -2.80 -0.70
CA HIS D 149 -14.97 -2.17 0.61
C HIS D 149 -13.80 -1.22 0.84
N ALA D 150 -13.50 -0.40 -0.18
CA ALA D 150 -12.46 0.61 -0.05
C ALA D 150 -12.75 1.57 1.09
N ALA D 151 -14.02 1.78 1.42
CA ALA D 151 -14.37 2.65 2.54
C ALA D 151 -13.82 2.09 3.85
N GLU D 152 -13.91 0.77 4.04
CA GLU D 152 -13.40 0.17 5.28
C GLU D 152 -11.91 0.37 5.41
N GLN D 153 -11.15 0.12 4.34
CA GLN D 153 -9.69 0.28 4.40
C GLN D 153 -9.30 1.74 4.57
N ARG D 154 -10.02 2.66 3.91
CA ARG D 154 -9.74 4.08 4.09
C ARG D 154 -10.02 4.52 5.51
N ARG D 155 -11.13 4.06 6.09
CA ARG D 155 -11.45 4.38 7.47
C ARG D 155 -10.41 3.79 8.42
N VAL D 156 -9.94 2.58 8.13
CA VAL D 156 -8.87 1.99 8.92
C VAL D 156 -7.64 2.89 8.89
N TYR D 157 -7.25 3.35 7.70
CA TYR D 157 -6.13 4.26 7.61
C TYR D 157 -6.37 5.50 8.47
N LEU D 158 -7.55 6.10 8.34
CA LEU D 158 -7.81 7.39 8.96
C LEU D 158 -7.85 7.32 10.47
N GLU D 159 -8.46 6.27 11.03
CA GLU D 159 -8.53 6.13 12.47
C GLU D 159 -7.40 5.28 13.04
N GLY D 160 -6.48 4.86 12.19
CA GLY D 160 -5.26 4.18 12.59
C GLY D 160 -4.05 5.03 12.30
N ARG D 161 -3.49 4.81 11.11
CA ARG D 161 -2.20 5.41 10.77
C ARG D 161 -2.27 6.93 10.72
N CYS D 162 -3.37 7.48 10.21
CA CYS D 162 -3.54 8.93 10.16
C CYS D 162 -3.43 9.55 11.55
N VAL D 163 -4.22 9.05 12.50
CA VAL D 163 -4.20 9.64 13.84
C VAL D 163 -2.89 9.32 14.54
N ASP D 164 -2.29 8.16 14.27
CA ASP D 164 -1.00 7.85 14.86
C ASP D 164 0.05 8.86 14.45
N GLY D 165 0.18 9.08 13.14
CA GLY D 165 1.12 10.08 12.65
C GLY D 165 0.77 11.47 13.13
N LEU D 166 -0.53 11.77 13.22
CA LEU D 166 -0.95 13.09 13.66
C LEU D 166 -0.50 13.35 15.10
N ARG D 167 -0.78 12.42 16.01
CA ARG D 167 -0.37 12.61 17.39
C ARG D 167 1.15 12.59 17.52
N ARG D 168 1.83 11.78 16.70
CA ARG D 168 3.29 11.82 16.69
C ARG D 168 3.80 13.20 16.32
N TYR D 169 3.19 13.82 15.31
CA TYR D 169 3.53 15.20 14.97
C TYR D 169 3.21 16.15 16.12
N LEU D 170 2.15 15.86 16.87
CA LEU D 170 1.84 16.67 18.04
C LEU D 170 2.98 16.63 19.07
N GLU D 171 3.50 15.43 19.39
CA GLU D 171 4.70 15.43 20.24
C GLU D 171 5.88 16.07 19.53
N ASN D 172 5.89 16.04 18.20
CA ASN D 172 6.92 16.73 17.45
C ASN D 172 6.72 18.25 17.48
N GLY D 173 5.47 18.71 17.52
CA GLY D 173 5.20 20.13 17.39
C GLY D 173 4.45 20.81 18.52
N LYS D 174 4.68 20.40 19.76
CA LYS D 174 4.13 21.16 20.89
C LYS D 174 4.48 22.64 20.81
N GLU D 175 5.71 22.95 20.43
CA GLU D 175 6.17 24.34 20.39
C GLU D 175 5.69 25.09 19.16
N THR D 176 5.26 24.40 18.10
CA THR D 176 4.85 25.10 16.90
C THR D 176 3.46 24.72 16.40
N LEU D 177 3.10 23.43 16.46
CA LEU D 177 1.82 23.00 15.89
C LEU D 177 0.63 23.45 16.72
N GLN D 178 0.81 23.65 18.01
CA GLN D 178 -0.28 24.12 18.87
C GLN D 178 -0.18 25.62 19.10
N PRO D 182 -2.64 34.81 18.01
CA PRO D 182 -2.53 36.13 18.64
C PRO D 182 -2.44 37.26 17.61
N PRO D 183 -3.57 37.64 17.03
CA PRO D 183 -3.56 38.74 16.05
C PRO D 183 -3.05 40.03 16.66
N LYS D 184 -2.29 40.78 15.86
CA LYS D 184 -1.75 42.05 16.34
C LYS D 184 -2.82 43.13 16.40
N THR D 185 -3.69 43.20 15.39
CA THR D 185 -4.84 44.11 15.35
C THR D 185 -4.38 45.57 15.49
N HIS D 186 -3.65 46.02 14.47
CA HIS D 186 -3.07 47.36 14.49
C HIS D 186 -4.14 48.45 14.49
N MET D 187 -5.26 48.22 13.82
CA MET D 187 -6.34 49.21 13.70
C MET D 187 -5.81 50.49 13.03
N THR D 188 -5.43 50.33 11.77
CA THR D 188 -4.95 51.44 10.95
C THR D 188 -6.12 52.13 10.24
N HIS D 189 -5.92 53.41 9.95
CA HIS D 189 -6.93 54.20 9.25
C HIS D 189 -6.30 54.97 8.11
N HIS D 190 -7.03 55.09 7.01
CA HIS D 190 -6.60 55.83 5.84
C HIS D 190 -7.75 56.68 5.34
N PRO D 191 -7.55 57.99 5.15
CA PRO D 191 -8.63 58.84 4.66
C PRO D 191 -9.08 58.42 3.26
N ILE D 192 -10.39 58.53 3.02
CA ILE D 192 -10.99 58.21 1.73
C ILE D 192 -11.60 59.45 1.09
N SER D 193 -12.43 60.19 1.85
CA SER D 193 -13.05 61.40 1.36
C SER D 193 -13.41 62.28 2.56
N ASP D 194 -13.75 63.54 2.26
CA ASP D 194 -14.16 64.45 3.31
C ASP D 194 -15.47 64.04 3.97
N HIS D 195 -16.26 63.19 3.33
CA HIS D 195 -17.54 62.74 3.85
C HIS D 195 -17.61 61.26 4.15
N GLU D 196 -16.67 60.45 3.66
CA GLU D 196 -16.66 59.02 3.91
C GLU D 196 -15.22 58.55 4.14
N ALA D 197 -15.09 57.45 4.87
CA ALA D 197 -13.79 56.90 5.19
C ALA D 197 -13.93 55.40 5.47
N THR D 198 -12.80 54.71 5.46
CA THR D 198 -12.76 53.27 5.73
C THR D 198 -11.75 52.99 6.84
N LEU D 199 -12.12 52.12 7.76
CA LEU D 199 -11.25 51.71 8.86
C LEU D 199 -10.81 50.27 8.63
N ARG D 200 -9.51 50.03 8.74
CA ARG D 200 -8.93 48.71 8.53
C ARG D 200 -8.17 48.28 9.77
N CYS D 201 -8.71 47.31 10.50
CA CYS D 201 -7.98 46.77 11.66
C CYS D 201 -7.14 45.60 11.18
N TRP D 202 -5.85 45.68 11.48
CA TRP D 202 -4.81 44.92 10.77
C TRP D 202 -4.34 43.77 11.67
N ALA D 203 -5.02 42.64 11.56
CA ALA D 203 -4.70 41.46 12.36
C ALA D 203 -3.57 40.68 11.69
N LEU D 204 -2.51 40.41 12.44
CA LEU D 204 -1.31 39.76 11.93
C LEU D 204 -0.98 38.51 12.72
N GLY D 205 -0.32 37.57 12.05
CA GLY D 205 0.31 36.43 12.68
C GLY D 205 -0.54 35.68 13.69
N PHE D 206 -1.66 35.12 13.23
CA PHE D 206 -2.54 34.33 14.08
C PHE D 206 -2.63 32.91 13.54
N TYR D 207 -2.54 31.94 14.44
CA TYR D 207 -2.61 30.53 14.08
C TYR D 207 -3.56 29.82 15.04
N PRO D 208 -4.52 29.03 14.53
CA PRO D 208 -4.78 28.73 13.12
C PRO D 208 -5.54 29.82 12.38
N ALA D 209 -6.19 29.44 11.28
CA ALA D 209 -6.88 30.38 10.41
C ALA D 209 -8.37 30.48 10.69
N GLU D 210 -8.83 29.96 11.82
CA GLU D 210 -10.25 30.03 12.18
C GLU D 210 -10.56 31.35 12.89
N ILE D 211 -10.19 32.44 12.22
CA ILE D 211 -10.44 33.78 12.75
C ILE D 211 -11.84 34.22 12.38
N THR D 212 -12.39 35.12 13.19
CA THR D 212 -13.71 35.71 12.93
C THR D 212 -13.64 37.20 13.20
N LEU D 213 -13.93 38.00 12.18
CA LEU D 213 -14.05 39.45 12.31
C LEU D 213 -15.47 39.85 11.92
N THR D 214 -16.08 40.71 12.74
CA THR D 214 -17.49 41.03 12.57
C THR D 214 -17.78 42.50 12.36
N TRP D 215 -16.91 43.40 12.86
CA TRP D 215 -17.11 44.84 12.76
C TRP D 215 -18.42 45.26 13.44
N GLN D 216 -18.49 45.03 14.75
CA GLN D 216 -19.65 45.32 15.57
C GLN D 216 -19.57 46.73 16.14
N ARG D 217 -20.74 47.32 16.35
CA ARG D 217 -20.89 48.61 17.03
C ARG D 217 -21.75 48.37 18.26
N ASP D 218 -21.10 47.92 19.35
CA ASP D 218 -21.65 47.74 20.68
C ASP D 218 -23.13 47.29 20.70
N GLY D 219 -23.46 46.29 19.90
CA GLY D 219 -24.79 45.73 19.96
C GLY D 219 -25.44 45.39 18.63
N GLU D 220 -25.09 46.11 17.57
CA GLU D 220 -25.70 45.93 16.26
C GLU D 220 -24.73 45.22 15.33
N ASP D 221 -25.24 44.23 14.60
CA ASP D 221 -24.44 43.47 13.65
C ASP D 221 -24.42 44.18 12.31
N GLN D 222 -23.27 44.16 11.64
CA GLN D 222 -23.12 44.75 10.31
C GLN D 222 -22.47 43.74 9.38
N THR D 223 -23.16 43.44 8.27
CA THR D 223 -22.58 42.77 7.13
C THR D 223 -22.60 43.64 5.88
N GLN D 224 -23.30 44.77 5.93
CA GLN D 224 -23.31 45.71 4.82
C GLN D 224 -21.97 46.44 4.73
N ASP D 225 -21.48 46.60 3.50
CA ASP D 225 -20.21 47.28 3.18
C ASP D 225 -19.04 46.76 4.01
N THR D 226 -19.20 45.60 4.63
CA THR D 226 -18.12 44.96 5.39
C THR D 226 -17.52 43.86 4.52
N GLU D 227 -16.75 44.27 3.52
CA GLU D 227 -16.09 43.30 2.65
C GLU D 227 -14.98 42.59 3.43
N LEU D 228 -14.95 41.26 3.31
CA LEU D 228 -14.05 40.42 4.09
C LEU D 228 -13.22 39.59 3.14
N VAL D 229 -11.89 39.78 3.19
CA VAL D 229 -11.01 39.00 2.33
C VAL D 229 -10.81 37.60 2.90
N GLU D 230 -10.41 36.68 2.03
CA GLU D 230 -10.19 35.31 2.43
C GLU D 230 -9.01 35.21 3.40
N THR D 231 -8.90 34.06 4.05
CA THR D 231 -7.84 33.82 5.02
C THR D 231 -6.52 33.70 4.26
N ARG D 232 -5.74 34.78 4.27
CA ARG D 232 -4.49 34.83 3.52
C ARG D 232 -3.32 34.47 4.43
N PRO D 233 -2.56 33.43 4.11
CA PRO D 233 -1.37 33.11 4.90
C PRO D 233 -0.27 34.15 4.70
N ALA D 234 0.60 34.27 5.69
CA ALA D 234 1.73 35.19 5.60
C ALA D 234 2.96 34.55 4.97
N GLY D 235 3.08 33.23 5.02
CA GLY D 235 4.19 32.51 4.42
C GLY D 235 4.86 31.52 5.35
N ASP D 236 4.95 31.84 6.64
CA ASP D 236 5.62 31.00 7.63
C ASP D 236 4.62 30.17 8.44
N GLY D 237 3.53 29.73 7.82
CA GLY D 237 2.57 28.86 8.45
C GLY D 237 1.41 29.56 9.14
N THR D 238 1.55 30.84 9.46
CA THR D 238 0.46 31.59 10.08
C THR D 238 -0.50 32.06 8.99
N PHE D 239 -1.44 32.93 9.36
CA PHE D 239 -2.40 33.46 8.42
C PHE D 239 -2.65 34.93 8.73
N GLN D 240 -3.29 35.62 7.80
CA GLN D 240 -3.59 37.04 7.93
C GLN D 240 -5.06 37.26 7.64
N LYS D 241 -5.62 38.30 8.27
CA LYS D 241 -7.02 38.63 8.09
C LYS D 241 -7.23 40.11 8.38
N TRP D 242 -8.14 40.73 7.65
CA TRP D 242 -8.53 42.11 7.88
C TRP D 242 -9.89 42.35 7.25
N ALA D 243 -10.52 43.45 7.65
CA ALA D 243 -11.81 43.82 7.07
C ALA D 243 -11.93 45.34 7.10
N ALA D 244 -12.79 45.86 6.23
CA ALA D 244 -13.01 47.29 6.11
C ALA D 244 -14.50 47.58 6.04
N VAL D 245 -14.87 48.78 6.48
CA VAL D 245 -16.26 49.23 6.49
C VAL D 245 -16.34 50.63 5.91
N VAL D 246 -17.34 50.85 5.06
CA VAL D 246 -17.55 52.16 4.46
C VAL D 246 -18.37 53.00 5.45
N VAL D 247 -17.71 53.98 6.08
CA VAL D 247 -18.33 54.79 7.12
C VAL D 247 -18.09 56.27 6.83
N PRO D 248 -18.94 57.17 7.31
CA PRO D 248 -18.64 58.60 7.15
C PRO D 248 -17.48 59.02 8.04
N SER D 249 -16.76 60.05 7.60
CA SER D 249 -15.59 60.51 8.32
C SER D 249 -15.98 61.22 9.62
N GLY D 250 -15.06 61.21 10.57
CA GLY D 250 -15.25 61.89 11.84
C GLY D 250 -15.87 61.05 12.94
N GLU D 251 -16.36 59.86 12.62
CA GLU D 251 -16.97 58.96 13.61
C GLU D 251 -16.06 57.77 13.92
N GLU D 252 -14.75 57.99 14.01
CA GLU D 252 -13.80 56.89 14.16
C GLU D 252 -14.09 56.07 15.43
N GLN D 253 -14.46 56.74 16.51
CA GLN D 253 -14.71 56.05 17.77
C GLN D 253 -16.00 55.24 17.78
N ARG D 254 -16.84 55.36 16.74
CA ARG D 254 -18.14 54.71 16.78
C ARG D 254 -18.07 53.28 16.24
N TYR D 255 -17.06 52.96 15.45
CA TYR D 255 -16.93 51.66 14.82
C TYR D 255 -15.74 50.89 15.38
N THR D 256 -15.95 49.60 15.70
CA THR D 256 -14.91 48.72 16.20
C THR D 256 -15.08 47.34 15.58
N CYS D 257 -13.99 46.58 15.51
CA CYS D 257 -14.03 45.20 15.05
C CYS D 257 -13.69 44.28 16.21
N HIS D 258 -14.37 43.15 16.28
CA HIS D 258 -14.17 42.17 17.34
C HIS D 258 -13.42 40.97 16.78
N VAL D 259 -12.35 40.57 17.47
CA VAL D 259 -11.48 39.49 17.03
C VAL D 259 -11.82 38.23 17.81
N GLN D 260 -11.96 37.12 17.11
CA GLN D 260 -12.29 35.83 17.71
C GLN D 260 -11.26 34.80 17.25
N HIS D 261 -10.26 34.55 18.10
CA HIS D 261 -9.20 33.61 17.76
C HIS D 261 -8.97 32.66 18.93
N GLU D 262 -8.49 31.46 18.60
CA GLU D 262 -8.23 30.46 19.63
C GLU D 262 -7.07 30.88 20.53
N GLY D 263 -6.08 31.57 19.99
CA GLY D 263 -4.92 31.99 20.76
C GLY D 263 -5.10 33.25 21.57
N LEU D 264 -6.27 33.86 21.53
CA LEU D 264 -6.51 35.10 22.28
C LEU D 264 -7.18 34.77 23.61
N PRO D 265 -6.57 35.13 24.74
CA PRO D 265 -7.26 34.93 26.02
C PRO D 265 -8.59 35.65 26.11
N LYS D 266 -8.67 36.86 25.58
CA LYS D 266 -9.89 37.64 25.53
C LYS D 266 -10.02 38.28 24.16
N PRO D 267 -11.25 38.48 23.67
CA PRO D 267 -11.43 39.16 22.38
C PRO D 267 -11.11 40.64 22.47
N LEU D 268 -9.98 41.05 21.90
CA LEU D 268 -9.59 42.45 21.94
C LEU D 268 -10.49 43.30 21.05
N THR D 269 -10.70 44.54 21.45
CA THR D 269 -11.47 45.51 20.68
C THR D 269 -10.73 46.85 20.71
N LEU D 270 -10.49 47.41 19.52
CA LEU D 270 -9.79 48.68 19.39
C LEU D 270 -10.74 49.72 18.83
N ARG D 271 -10.57 50.97 19.26
CA ARG D 271 -11.50 52.06 18.99
C ARG D 271 -10.75 53.30 18.54
N TRP D 272 -9.83 53.13 17.58
CA TRP D 272 -9.10 54.26 17.03
C TRP D 272 -10.01 55.17 16.23
N ILE E 1 -14.11 21.90 -14.11
CA ILE E 1 -14.65 23.24 -14.26
C ILE E 1 -13.55 24.28 -14.03
N GLN E 2 -13.74 25.46 -14.59
CA GLN E 2 -12.78 26.55 -14.51
C GLN E 2 -13.36 27.65 -13.63
N ARG E 3 -12.56 28.11 -12.66
CA ARG E 3 -12.99 29.19 -11.78
C ARG E 3 -11.90 30.24 -11.68
N THR E 4 -12.31 31.51 -11.73
CA THR E 4 -11.37 32.61 -11.66
C THR E 4 -10.80 32.74 -10.24
N PRO E 5 -9.55 33.17 -10.12
CA PRO E 5 -8.97 33.37 -8.79
C PRO E 5 -9.50 34.63 -8.10
N LYS E 6 -9.04 34.81 -6.87
CA LYS E 6 -9.36 35.98 -6.06
C LYS E 6 -8.07 36.64 -5.59
N ILE E 7 -7.19 36.93 -6.56
CA ILE E 7 -5.81 37.34 -6.30
C ILE E 7 -5.74 38.37 -5.17
N GLN E 8 -4.83 38.13 -4.24
CA GLN E 8 -4.55 39.07 -3.16
C GLN E 8 -3.04 39.22 -3.03
N VAL E 9 -2.55 40.43 -3.28
CA VAL E 9 -1.14 40.76 -3.06
C VAL E 9 -1.05 41.64 -1.81
N TYR E 10 -0.10 41.32 -0.94
CA TYR E 10 0.01 41.99 0.35
C TYR E 10 1.38 41.68 0.94
N SER E 11 1.55 41.99 2.21
CA SER E 11 2.80 41.77 2.92
C SER E 11 2.54 41.03 4.22
N ARG E 12 3.59 40.43 4.77
CA ARG E 12 3.48 39.81 6.09
C ARG E 12 3.11 40.83 7.15
N HIS E 13 3.72 42.00 7.09
CA HIS E 13 3.58 43.03 8.11
C HIS E 13 3.16 44.33 7.43
N PRO E 14 2.77 45.37 8.19
CA PRO E 14 2.50 46.66 7.56
C PRO E 14 3.73 47.18 6.84
N ALA E 15 3.50 47.84 5.71
CA ALA E 15 4.60 48.35 4.90
C ALA E 15 5.41 49.37 5.71
N GLU E 16 6.70 49.10 5.85
CA GLU E 16 7.59 49.99 6.59
C GLU E 16 8.90 50.06 5.83
N ASN E 17 9.46 51.26 5.75
CA ASN E 17 10.61 51.51 4.89
C ASN E 17 11.91 51.16 5.60
N GLY E 18 12.82 50.52 4.85
CA GLY E 18 14.15 50.23 5.33
C GLY E 18 14.32 48.89 6.03
N LYS E 19 13.34 48.00 5.98
CA LYS E 19 13.43 46.72 6.65
C LYS E 19 12.97 45.61 5.71
N SER E 20 13.43 44.39 5.98
CA SER E 20 13.09 43.24 5.18
C SER E 20 11.57 42.97 5.22
N ASN E 21 11.08 42.34 4.17
CA ASN E 21 9.66 42.00 4.06
C ASN E 21 9.48 41.05 2.88
N PHE E 22 8.22 40.61 2.68
CA PHE E 22 7.89 39.63 1.64
C PHE E 22 6.59 40.04 0.96
N LEU E 23 6.63 40.22 -0.37
CA LEU E 23 5.39 40.34 -1.13
C LEU E 23 4.67 39.00 -1.10
N ASN E 24 3.58 38.92 -0.35
CA ASN E 24 2.72 37.75 -0.35
C ASN E 24 1.64 37.96 -1.39
N CYS E 25 1.76 37.31 -2.54
CA CYS E 25 0.72 37.32 -3.56
C CYS E 25 -0.05 36.00 -3.39
N TYR E 26 -0.96 35.98 -2.44
CA TYR E 26 -1.71 34.77 -2.11
C TYR E 26 -2.71 34.52 -3.23
N VAL E 27 -2.31 33.72 -4.20
CA VAL E 27 -3.13 33.40 -5.36
C VAL E 27 -4.03 32.24 -4.96
N SER E 28 -5.33 32.50 -4.85
CA SER E 28 -6.27 31.53 -4.33
C SER E 28 -7.54 31.52 -5.15
N GLY E 29 -8.37 30.51 -4.93
CA GLY E 29 -9.68 30.45 -5.53
C GLY E 29 -9.72 30.07 -6.99
N PHE E 30 -8.64 29.53 -7.52
CA PHE E 30 -8.54 29.21 -8.94
C PHE E 30 -8.59 27.71 -9.17
N HIS E 31 -8.96 27.34 -10.39
CA HIS E 31 -8.93 25.96 -10.87
C HIS E 31 -9.16 25.99 -12.38
N PRO E 32 -8.39 25.21 -13.17
CA PRO E 32 -7.32 24.30 -12.75
C PRO E 32 -6.07 25.04 -12.28
N SER E 33 -5.14 24.29 -11.68
CA SER E 33 -3.96 24.90 -11.06
C SER E 33 -2.89 25.28 -12.08
N ASP E 34 -3.14 25.08 -13.38
CA ASP E 34 -2.14 25.40 -14.39
C ASP E 34 -2.05 26.92 -14.47
N ILE E 35 -1.38 27.49 -13.47
CA ILE E 35 -1.32 28.93 -13.26
C ILE E 35 0.11 29.39 -13.47
N GLU E 36 0.27 30.66 -13.82
CA GLU E 36 1.58 31.27 -13.99
C GLU E 36 1.52 32.63 -13.30
N VAL E 37 2.19 32.75 -12.16
CA VAL E 37 2.10 33.92 -11.31
C VAL E 37 3.44 34.64 -11.30
N ASP E 38 3.41 35.94 -11.51
CA ASP E 38 4.60 36.79 -11.46
C ASP E 38 4.35 37.95 -10.52
N LEU E 39 5.37 38.32 -9.76
CA LEU E 39 5.33 39.50 -8.90
C LEU E 39 6.19 40.59 -9.49
N LEU E 40 5.62 41.78 -9.62
CA LEU E 40 6.12 42.81 -10.52
C LEU E 40 6.66 43.99 -9.70
N LYS E 41 7.96 44.25 -9.82
CA LYS E 41 8.58 45.47 -9.34
C LYS E 41 8.65 46.47 -10.49
N ASN E 42 7.77 47.46 -10.46
CA ASN E 42 7.70 48.49 -11.50
C ASN E 42 7.52 47.86 -12.89
N GLY E 43 6.68 46.82 -12.96
CA GLY E 43 6.41 46.15 -14.21
C GLY E 43 7.46 45.17 -14.66
N GLU E 44 8.38 44.77 -13.78
CA GLU E 44 9.46 43.86 -14.13
C GLU E 44 9.24 42.51 -13.45
N ARG E 45 9.22 41.45 -14.25
CA ARG E 45 9.08 40.09 -13.71
C ARG E 45 10.30 39.74 -12.85
N ILE E 46 10.09 38.87 -11.89
CA ILE E 46 11.14 38.47 -10.96
C ILE E 46 11.34 36.96 -11.03
N GLU E 47 12.53 36.52 -10.62
CA GLU E 47 12.88 35.11 -10.57
C GLU E 47 13.18 34.62 -9.15
N LYS E 48 13.00 35.47 -8.14
CA LYS E 48 13.18 35.12 -6.74
C LYS E 48 11.83 34.88 -6.08
N VAL E 49 10.95 34.20 -6.81
CA VAL E 49 9.52 34.16 -6.51
C VAL E 49 9.14 32.75 -6.08
N GLU E 50 10.03 32.08 -5.36
CA GLU E 50 9.73 30.77 -4.82
C GLU E 50 8.38 30.79 -4.11
N HIS E 51 7.46 29.98 -4.60
CA HIS E 51 6.07 30.06 -4.18
C HIS E 51 5.82 29.17 -2.97
N SER E 52 4.55 29.09 -2.57
CA SER E 52 4.12 28.10 -1.60
C SER E 52 3.93 26.78 -2.31
N ASP E 53 3.31 25.82 -1.64
CA ASP E 53 3.07 24.50 -2.21
C ASP E 53 1.60 24.37 -2.55
N LEU E 54 1.32 23.88 -3.76
CA LEU E 54 -0.02 23.95 -4.32
C LEU E 54 -0.99 23.06 -3.57
N SER E 55 -1.99 23.68 -2.94
CA SER E 55 -3.04 22.98 -2.22
C SER E 55 -4.36 23.68 -2.42
N PHE E 56 -5.44 22.93 -2.28
CA PHE E 56 -6.80 23.44 -2.51
C PHE E 56 -7.55 23.57 -1.19
N SER E 57 -8.67 24.28 -1.25
CA SER E 57 -9.52 24.51 -0.10
C SER E 57 -10.64 23.47 -0.10
N LYS E 58 -11.62 23.66 0.79
CA LYS E 58 -12.74 22.74 0.87
C LYS E 58 -13.54 22.71 -0.43
N ASP E 59 -13.69 23.86 -1.09
CA ASP E 59 -14.43 23.94 -2.34
C ASP E 59 -13.60 23.55 -3.54
N TRP E 60 -12.44 22.94 -3.33
CA TRP E 60 -11.52 22.45 -4.36
C TRP E 60 -10.81 23.58 -5.10
N SER E 61 -10.90 24.81 -4.62
CA SER E 61 -10.23 25.93 -5.24
C SER E 61 -8.80 26.00 -4.72
N PHE E 62 -7.83 25.82 -5.62
CA PHE E 62 -6.43 25.84 -5.23
C PHE E 62 -6.04 27.19 -4.65
N TYR E 63 -4.99 27.20 -3.85
CA TYR E 63 -4.41 28.45 -3.37
C TYR E 63 -2.89 28.35 -3.38
N LEU E 64 -2.24 29.40 -3.85
CA LEU E 64 -0.79 29.52 -3.87
C LEU E 64 -0.37 30.80 -3.20
N LEU E 65 0.85 30.80 -2.65
CA LEU E 65 1.43 31.98 -2.02
C LEU E 65 2.83 32.18 -2.58
N TYR E 66 2.96 33.13 -3.50
CA TYR E 66 4.26 33.48 -4.08
C TYR E 66 4.83 34.63 -3.26
N TYR E 67 5.95 34.38 -2.60
CA TYR E 67 6.56 35.36 -1.70
C TYR E 67 7.98 35.68 -2.14
N THR E 68 8.34 36.96 -2.10
CA THR E 68 9.64 37.44 -2.52
C THR E 68 10.21 38.39 -1.48
N GLU E 69 11.46 38.16 -1.09
CA GLU E 69 12.14 39.05 -0.17
C GLU E 69 12.36 40.41 -0.83
N PHE E 70 12.21 41.49 -0.06
CA PHE E 70 12.38 42.83 -0.62
C PHE E 70 12.55 43.80 0.54
N THR E 71 12.54 45.09 0.21
CA THR E 71 12.49 46.17 1.20
C THR E 71 11.43 47.17 0.75
N PRO E 72 10.40 47.43 1.56
CA PRO E 72 9.37 48.39 1.14
C PRO E 72 9.95 49.79 1.03
N THR E 73 9.72 50.41 -0.13
CA THR E 73 10.10 51.80 -0.35
C THR E 73 8.97 52.52 -1.06
N GLU E 74 8.86 53.83 -0.78
CA GLU E 74 7.80 54.62 -1.39
C GLU E 74 8.03 54.86 -2.87
N LYS E 75 9.30 54.92 -3.29
CA LYS E 75 9.61 55.25 -4.69
C LYS E 75 9.11 54.17 -5.63
N ASP E 76 9.63 52.95 -5.49
CA ASP E 76 9.22 51.86 -6.36
C ASP E 76 7.83 51.35 -6.00
N GLU E 77 7.18 50.71 -6.97
CA GLU E 77 5.83 50.22 -6.82
C GLU E 77 5.81 48.74 -7.12
N TYR E 78 5.20 47.95 -6.24
CA TYR E 78 5.21 46.50 -6.33
C TYR E 78 3.84 46.01 -6.79
N ALA E 79 3.84 44.92 -7.55
CA ALA E 79 2.61 44.37 -8.11
C ALA E 79 2.78 42.87 -8.34
N CYS E 80 1.67 42.20 -8.61
CA CYS E 80 1.65 40.77 -8.87
C CYS E 80 0.77 40.49 -10.08
N ARG E 81 1.28 39.71 -11.03
CA ARG E 81 0.55 39.35 -12.24
C ARG E 81 0.19 37.87 -12.20
N VAL E 82 -0.98 37.55 -12.75
CA VAL E 82 -1.53 36.21 -12.74
C VAL E 82 -2.07 35.89 -14.13
N ASN E 83 -1.87 34.64 -14.57
CA ASN E 83 -2.35 34.18 -15.87
C ASN E 83 -3.07 32.84 -15.68
N HIS E 84 -4.40 32.88 -15.72
CA HIS E 84 -5.23 31.71 -15.56
C HIS E 84 -6.01 31.43 -16.84
N VAL E 85 -6.46 30.19 -16.99
CA VAL E 85 -7.26 29.81 -18.14
C VAL E 85 -8.53 30.65 -18.21
N THR E 86 -9.17 30.86 -17.06
CA THR E 86 -10.35 31.73 -17.02
C THR E 86 -10.01 33.16 -17.41
N LEU E 87 -8.87 33.66 -16.94
CA LEU E 87 -8.48 35.04 -17.20
C LEU E 87 -8.04 35.18 -18.65
N SER E 88 -8.82 35.95 -19.42
CA SER E 88 -8.48 36.17 -20.82
C SER E 88 -7.22 37.02 -20.98
N GLN E 89 -6.90 37.85 -20.00
CA GLN E 89 -5.72 38.69 -20.03
C GLN E 89 -5.05 38.63 -18.66
N PRO E 90 -3.76 38.93 -18.59
CA PRO E 90 -3.10 39.00 -17.28
C PRO E 90 -3.78 40.02 -16.38
N LYS E 91 -3.93 39.66 -15.11
CA LYS E 91 -4.57 40.52 -14.12
C LYS E 91 -3.51 40.96 -13.13
N ILE E 92 -2.79 42.04 -13.47
CA ILE E 92 -1.85 42.63 -12.53
C ILE E 92 -2.62 43.29 -11.40
N VAL E 93 -2.18 43.07 -10.17
CA VAL E 93 -2.82 43.62 -8.99
C VAL E 93 -1.77 44.42 -8.21
N LYS E 94 -2.04 45.70 -8.02
CA LYS E 94 -1.09 46.57 -7.34
C LYS E 94 -1.02 46.22 -5.86
N TRP E 95 0.20 46.24 -5.32
CA TRP E 95 0.40 45.96 -3.89
C TRP E 95 0.12 47.24 -3.13
N ASP E 96 -1.05 47.31 -2.50
CA ASP E 96 -1.40 48.49 -1.72
C ASP E 96 -0.82 48.38 -0.32
N ARG E 97 -0.11 49.42 0.11
CA ARG E 97 0.44 49.42 1.46
C ARG E 97 -0.66 49.40 2.51
N ASP E 98 -1.71 50.18 2.31
CA ASP E 98 -2.80 50.23 3.27
C ASP E 98 -3.66 48.96 3.21
N MET E 99 -4.00 48.52 2.00
CA MET E 99 -4.90 47.39 1.83
C MET E 99 -4.17 46.06 1.97
#